data_7ECY
#
_entry.id   7ECY
#
_cell.length_a   1.00
_cell.length_b   1.00
_cell.length_c   1.00
_cell.angle_alpha   90.00
_cell.angle_beta   90.00
_cell.angle_gamma   90.00
#
_symmetry.space_group_name_H-M   'P 1'
#
loop_
_entity.id
_entity.type
_entity.pdbx_description
1 polymer 'Capsid protein VP1'
2 polymer 'Capsid protein VP3'
3 polymer 'Capsid protein VP2'
4 polymer 'Fab 2H12 heavy chain'
5 polymer 'Fab 2H12 light chain'
#
loop_
_entity_poly.entity_id
_entity_poly.type
_entity_poly.pdbx_seq_one_letter_code
_entity_poly.pdbx_strand_id
1 'polypeptide(L)'
;IESIIKTATDTVKSEINAELGVVPSLNAVETGATSNTEPEEAIQTRTVINQHGVSETLVENFLSRAALVSKRSFEYKDHT
SSTARADKNFFKWTINTRSFVQLRRKLELFTYLRFDAEITILTTVAVNGSGNNTYVGLPDLTLQAMFVPTGALTPEKQDS
FHWQSGSNASVFFKISDPPARITIPFMCINSAYSVFYDGFAGFEKNGLYGINPADTIGNLCVRIVNEHQPVGFTVTVRVY
MKPKHIKAWAPRPPRTLPYMSIANANYKGKERAPNALSAIIGNRDSVKTMPHNIVNT
;
A
2 'polypeptide(L)'
;GVPTYLLPGSGQFLTTDDHSSAPALPCFNPTPEMHIPGQVRNMLEVVQVESMMEINNTESAVGMERLKVDISALTDVDQL
LFNIPLDIQLDGPLRNTLVGNISRYYTHWSGSLEMTFMFCGSFMAAGKLILCYTPPGGSCPTTRETAMLGTHIVWDFGLQ
SSVTLIIPWISGSHYRMFNNDAKSTNANVGYVTCFMQTNLIVPSESSDTCSLIGFIAAKDDFSLRLMRDSPDIGQLDHLH
AAEAAYQ
;
B
3 'polypeptide(L)'
;SPSAEACGYSDRVLQLKLGNSAIVTQEAANYCCAYGEWPNYLPDHEAVAIDKPTQPETATDRFYTLKSVKWETGSTGWWW
KLPDALNNIGMFGQNVQHHYLYRSGFLIHVQCNATKFHQGALLVVAIPEHQRGAHNTNTSPGFDDIMKGEEGGTFNHPYV
LDDGTSLACATIFPHQWINLRTNNSATIVLPWMNAAPMDFPLRHNQWTLAIIPVVPLGTRTTSSMVPITVSIAPMCCEFN
GLRHAITQ
;
C
4 'polypeptide(L)'
;QVQLQQPGAELVMPGASVKMSCKASGYTFTDYWMHWVKQRPGQGLEWIGAIDTSDSYTTYNRKFKGKATLTVDESSSTAY
MQLISLTSEDSAVYYCARGGGGNSPFAYWGQGTLVTVSAAKTTAPSVYPLAPVCGDTTGSSVTLGCLVKGYFPEPVTLTW
NSGSLSSGVHTFPAVLQSDLYTLSSSVTVTSSTWPSQSITCNVAHPASSTKVDKKI
;
E
5 'polypeptide(L)'
;DIQMTQSPSSLSASLGERVSLTCRASQDIGSSLNWLQQEPDGTIKRLIYATSSLDSGVPKRFSGSRSGSDYSLTISSLES
EDFVDYYCLQYASFPLTFGAGTKLELKRADAAPTVSIFPPSSEQLTSGGASVVCFLNNFYPKDINVKWKIDGSERQNGVL
NSWTDQDSKDSTYSMSSTLTLTKDEYERHNSYTCEATHKTSTSPIVKSFNRNEC
;
F
#
# COMPACT_ATOMS: atom_id res chain seq x y z
N THR A 47 -0.55 -0.61 -38.43
CA THR A 47 -0.73 0.82 -38.16
C THR A 47 -2.08 1.33 -38.63
N VAL A 48 -2.61 2.32 -37.91
CA VAL A 48 -3.78 3.07 -38.35
C VAL A 48 -4.97 2.15 -38.63
N VAL A 54 -16.52 4.79 -27.86
CA VAL A 54 -16.12 4.59 -26.48
C VAL A 54 -16.72 3.32 -25.88
N SER A 55 -17.41 2.51 -26.68
CA SER A 55 -18.23 1.42 -26.15
C SER A 55 -17.43 0.48 -25.26
N GLU A 56 -16.36 -0.10 -25.80
CA GLU A 56 -15.60 -1.10 -25.05
C GLU A 56 -14.75 -0.50 -23.94
N THR A 57 -14.47 0.81 -23.99
CA THR A 57 -13.64 1.44 -22.97
C THR A 57 -14.36 1.59 -21.64
N LEU A 58 -15.64 1.26 -21.56
CA LEU A 58 -16.42 1.45 -20.34
C LEU A 58 -15.88 0.61 -19.19
N VAL A 59 -16.09 1.09 -17.96
CA VAL A 59 -15.58 0.40 -16.77
C VAL A 59 -16.26 -0.96 -16.60
N GLU A 60 -17.53 -1.07 -16.98
CA GLU A 60 -18.26 -2.31 -16.82
C GLU A 60 -17.60 -3.45 -17.59
N ASN A 61 -17.19 -3.18 -18.82
CA ASN A 61 -16.53 -4.22 -19.61
C ASN A 61 -15.07 -4.40 -19.20
N PHE A 62 -14.48 -3.39 -18.58
CA PHE A 62 -13.05 -3.45 -18.25
C PHE A 62 -12.80 -4.35 -17.04
N LEU A 63 -13.56 -4.17 -15.97
CA LEU A 63 -13.33 -4.95 -14.75
C LEU A 63 -13.95 -6.34 -14.80
N SER A 64 -14.89 -6.59 -15.71
CA SER A 64 -15.64 -7.84 -15.73
C SER A 64 -14.93 -8.83 -16.65
N ARG A 65 -14.38 -9.89 -16.06
CA ARG A 65 -13.77 -10.96 -16.82
C ARG A 65 -13.76 -12.21 -15.94
N ALA A 66 -13.68 -13.37 -16.58
CA ALA A 66 -13.66 -14.64 -15.88
C ALA A 66 -12.22 -15.00 -15.53
N ALA A 67 -11.94 -15.13 -14.23
CA ALA A 67 -10.61 -15.48 -13.74
C ALA A 67 -10.74 -16.49 -12.62
N LEU A 68 -9.67 -17.25 -12.41
CA LEU A 68 -9.65 -18.29 -11.39
C LEU A 68 -9.06 -17.71 -10.11
N VAL A 69 -9.91 -17.53 -9.09
CA VAL A 69 -9.46 -16.94 -7.83
C VAL A 69 -9.05 -17.97 -6.80
N SER A 70 -9.36 -19.26 -7.01
CA SER A 70 -9.00 -20.30 -6.06
C SER A 70 -8.63 -21.57 -6.81
N LYS A 71 -7.49 -22.16 -6.45
CA LYS A 71 -7.06 -23.43 -7.01
C LYS A 71 -6.60 -24.33 -5.89
N ARG A 72 -7.31 -25.44 -5.69
CA ARG A 72 -6.94 -26.38 -4.65
C ARG A 72 -7.36 -27.79 -5.07
N SER A 73 -6.53 -28.77 -4.74
CA SER A 73 -6.83 -30.17 -4.98
C SER A 73 -6.45 -30.97 -3.74
N PHE A 74 -7.43 -31.63 -3.14
CA PHE A 74 -7.20 -32.41 -1.93
C PHE A 74 -6.86 -33.85 -2.30
N GLU A 75 -5.87 -34.41 -1.59
CA GLU A 75 -5.43 -35.77 -1.84
C GLU A 75 -6.42 -36.75 -1.23
N TYR A 76 -6.96 -37.66 -2.06
CA TYR A 76 -7.92 -38.65 -1.62
C TYR A 76 -7.49 -40.02 -2.13
N LYS A 77 -7.11 -40.92 -1.22
CA LYS A 77 -6.83 -42.30 -1.59
C LYS A 77 -7.57 -43.26 -0.66
N ASP A 78 -7.11 -43.37 0.58
CA ASP A 78 -7.76 -44.21 1.58
C ASP A 78 -7.76 -43.48 2.91
N HIS A 79 -8.95 -43.23 3.45
CA HIS A 79 -9.10 -42.66 4.79
C HIS A 79 -9.34 -43.72 5.85
N THR A 80 -9.43 -44.99 5.48
CA THR A 80 -9.68 -46.06 6.44
C THR A 80 -8.42 -46.90 6.66
N LYS A 88 -10.44 -34.37 7.12
CA LYS A 88 -11.32 -34.98 6.13
C LYS A 88 -11.21 -34.26 4.79
N ASN A 89 -12.20 -34.43 3.94
CA ASN A 89 -12.19 -33.83 2.62
C ASN A 89 -13.14 -32.65 2.55
N PHE A 90 -12.58 -31.44 2.49
CA PHE A 90 -13.33 -30.20 2.43
C PHE A 90 -12.38 -29.01 2.33
N PHE A 91 -12.89 -27.86 1.88
CA PHE A 91 -12.08 -26.65 1.86
C PHE A 91 -12.98 -25.43 2.01
N LYS A 92 -12.48 -24.41 2.70
CA LYS A 92 -13.19 -23.16 2.88
C LYS A 92 -12.20 -22.01 2.74
N TRP A 93 -12.64 -20.92 2.11
CA TRP A 93 -11.78 -19.79 1.83
C TRP A 93 -12.64 -18.54 1.68
N THR A 94 -12.01 -17.38 1.89
CA THR A 94 -12.74 -16.15 2.17
C THR A 94 -13.14 -15.44 0.88
N ILE A 95 -12.84 -16.10 -0.25
CA ILE A 95 -13.11 -15.60 -1.60
C ILE A 95 -12.78 -14.11 -1.68
N ASN A 96 -11.49 -13.81 -1.58
CA ASN A 96 -11.02 -12.43 -1.65
C ASN A 96 -10.18 -12.23 -2.89
N THR A 97 -10.09 -10.98 -3.35
CA THR A 97 -9.42 -10.67 -4.61
C THR A 97 -7.94 -10.37 -4.45
N ARG A 98 -7.39 -10.47 -3.25
CA ARG A 98 -5.99 -10.13 -3.00
C ARG A 98 -5.04 -11.29 -3.29
N SER A 99 -5.57 -12.50 -3.46
CA SER A 99 -4.74 -13.67 -3.74
C SER A 99 -4.28 -13.73 -5.19
N PHE A 100 -5.20 -13.89 -6.14
CA PHE A 100 -4.87 -13.93 -7.56
C PHE A 100 -4.27 -12.57 -7.96
N VAL A 101 -3.07 -12.64 -8.52
CA VAL A 101 -2.22 -11.46 -8.67
C VAL A 101 -2.70 -10.55 -9.80
N GLN A 102 -3.26 -11.13 -10.86
CA GLN A 102 -3.68 -10.31 -11.98
C GLN A 102 -4.99 -9.57 -11.69
N LEU A 103 -5.88 -10.20 -10.93
CA LEU A 103 -7.13 -9.53 -10.56
C LEU A 103 -6.92 -8.51 -9.45
N ARG A 104 -5.95 -8.75 -8.56
CA ARG A 104 -5.64 -7.80 -7.50
C ARG A 104 -5.26 -6.44 -8.09
N ARG A 105 -4.13 -6.39 -8.80
CA ARG A 105 -3.71 -5.15 -9.45
C ARG A 105 -4.79 -4.61 -10.38
N LYS A 106 -5.60 -5.50 -10.95
CA LYS A 106 -6.74 -5.05 -11.75
C LYS A 106 -7.70 -4.22 -10.92
N LEU A 107 -7.91 -4.61 -9.65
CA LEU A 107 -8.81 -3.89 -8.77
C LEU A 107 -8.10 -2.89 -7.86
N GLU A 108 -6.76 -2.81 -7.93
CA GLU A 108 -6.06 -1.82 -7.12
C GLU A 108 -6.15 -0.43 -7.76
N LEU A 109 -6.68 -0.37 -8.98
CA LEU A 109 -6.78 0.89 -9.72
C LEU A 109 -7.83 1.80 -9.10
N PHE A 110 -8.84 1.20 -8.46
CA PHE A 110 -9.98 1.93 -7.93
C PHE A 110 -10.04 1.77 -6.42
N THR A 111 -10.70 2.74 -5.77
CA THR A 111 -10.80 2.75 -4.30
C THR A 111 -12.01 1.96 -3.84
N TYR A 112 -13.20 2.49 -4.08
CA TYR A 112 -14.44 1.83 -3.70
C TYR A 112 -15.06 1.14 -4.91
N LEU A 113 -15.62 -0.06 -4.69
CA LEU A 113 -16.20 -0.85 -5.75
C LEU A 113 -17.53 -1.43 -5.30
N ARG A 114 -18.50 -1.45 -6.20
CA ARG A 114 -19.82 -2.04 -5.96
C ARG A 114 -20.11 -3.03 -7.07
N PHE A 115 -20.21 -4.30 -6.71
CA PHE A 115 -20.43 -5.35 -7.70
C PHE A 115 -21.07 -6.55 -7.03
N ASP A 116 -21.67 -7.41 -7.85
CA ASP A 116 -22.29 -8.65 -7.41
C ASP A 116 -21.42 -9.81 -7.90
N ALA A 117 -20.83 -10.54 -6.97
CA ALA A 117 -19.93 -11.63 -7.35
C ALA A 117 -20.72 -12.81 -7.93
N GLU A 118 -20.27 -13.32 -9.06
CA GLU A 118 -20.87 -14.47 -9.72
C GLU A 118 -19.89 -15.64 -9.64
N ILE A 119 -20.23 -16.64 -8.84
CA ILE A 119 -19.35 -17.76 -8.56
C ILE A 119 -19.76 -18.95 -9.42
N THR A 120 -18.78 -19.57 -10.06
CA THR A 120 -18.99 -20.77 -10.86
C THR A 120 -17.95 -21.80 -10.48
N ILE A 121 -18.41 -23.00 -10.09
CA ILE A 121 -17.53 -24.07 -9.62
C ILE A 121 -17.37 -25.09 -10.74
N LEU A 122 -16.12 -25.32 -11.14
CA LEU A 122 -15.78 -26.32 -12.15
C LEU A 122 -15.00 -27.45 -11.47
N THR A 123 -15.51 -28.67 -11.60
CA THR A 123 -14.93 -29.83 -10.93
C THR A 123 -14.41 -30.82 -11.97
N THR A 124 -13.14 -31.18 -11.85
CA THR A 124 -12.51 -32.17 -12.71
C THR A 124 -11.87 -33.25 -11.86
N VAL A 125 -11.94 -34.49 -12.33
CA VAL A 125 -11.43 -35.65 -11.60
C VAL A 125 -10.26 -36.22 -12.40
N ALA A 126 -9.11 -36.35 -11.75
CA ALA A 126 -7.92 -36.90 -12.38
C ALA A 126 -7.75 -38.37 -12.01
N VAL A 127 -6.68 -38.98 -12.53
CA VAL A 127 -6.39 -40.39 -12.28
C VAL A 127 -4.95 -40.48 -11.75
N ASN A 128 -4.78 -41.13 -10.60
CA ASN A 128 -3.47 -41.30 -10.01
C ASN A 128 -2.92 -42.70 -10.29
N TYR A 135 -8.02 -50.22 -16.93
CA TYR A 135 -8.68 -48.93 -16.83
C TYR A 135 -9.92 -49.01 -15.95
N VAL A 136 -9.95 -48.20 -14.89
CA VAL A 136 -11.07 -48.23 -13.95
C VAL A 136 -12.26 -47.48 -14.50
N GLY A 137 -12.10 -46.18 -14.73
CA GLY A 137 -13.18 -45.31 -15.16
C GLY A 137 -13.60 -44.36 -14.05
N LEU A 138 -14.20 -43.24 -14.48
CA LEU A 138 -14.51 -42.15 -13.58
C LEU A 138 -15.94 -42.26 -13.10
N PRO A 139 -16.18 -42.53 -11.81
CA PRO A 139 -17.55 -42.47 -11.29
C PRO A 139 -18.02 -41.04 -11.16
N ASP A 140 -19.33 -40.89 -10.99
CA ASP A 140 -19.96 -39.57 -10.90
C ASP A 140 -20.22 -39.27 -9.43
N LEU A 141 -19.44 -38.36 -8.86
CA LEU A 141 -19.61 -37.90 -7.50
C LEU A 141 -20.67 -36.80 -7.41
N THR A 142 -21.26 -36.68 -6.23
CA THR A 142 -22.20 -35.60 -5.94
C THR A 142 -21.52 -34.63 -4.97
N LEU A 143 -21.43 -33.37 -5.36
CA LEU A 143 -20.76 -32.35 -4.57
C LEU A 143 -21.75 -31.31 -4.08
N GLN A 144 -21.45 -30.73 -2.92
CA GLN A 144 -22.28 -29.70 -2.31
C GLN A 144 -21.44 -28.46 -2.08
N ALA A 145 -21.85 -27.34 -2.69
CA ALA A 145 -21.18 -26.06 -2.54
C ALA A 145 -22.07 -25.15 -1.70
N MET A 146 -21.62 -24.86 -0.48
CA MET A 146 -22.38 -24.02 0.46
C MET A 146 -21.64 -22.70 0.68
N PHE A 147 -22.40 -21.61 0.69
CA PHE A 147 -21.85 -20.30 0.97
C PHE A 147 -22.19 -19.91 2.41
N VAL A 148 -21.17 -19.58 3.19
CA VAL A 148 -21.31 -19.19 4.58
C VAL A 148 -21.17 -17.68 4.67
N PRO A 149 -22.23 -16.93 4.95
CA PRO A 149 -22.11 -15.48 5.06
C PRO A 149 -21.40 -15.07 6.34
N THR A 150 -20.94 -13.81 6.35
CA THR A 150 -20.23 -13.28 7.49
C THR A 150 -21.16 -13.20 8.70
N GLY A 151 -20.65 -13.62 9.87
CA GLY A 151 -21.42 -13.62 11.09
C GLY A 151 -21.85 -14.99 11.57
N ALA A 152 -21.65 -16.04 10.78
CA ALA A 152 -21.99 -17.40 11.17
C ALA A 152 -20.75 -18.07 11.74
N LEU A 153 -20.79 -18.37 13.04
CA LEU A 153 -19.65 -18.99 13.71
C LEU A 153 -19.55 -20.44 13.27
N THR A 154 -18.33 -20.97 13.24
CA THR A 154 -18.10 -22.30 12.68
C THR A 154 -17.51 -23.25 13.73
N PRO A 155 -18.34 -23.79 14.63
CA PRO A 155 -17.85 -24.82 15.56
C PRO A 155 -17.91 -26.20 14.92
N GLU A 156 -16.90 -26.59 14.14
CA GLU A 156 -17.10 -27.73 13.25
C GLU A 156 -17.07 -29.04 14.04
N LYS A 157 -18.23 -29.68 14.10
CA LYS A 157 -18.32 -31.09 14.47
C LYS A 157 -18.76 -31.92 13.26
N GLN A 158 -17.81 -32.19 12.36
CA GLN A 158 -18.13 -32.74 11.05
C GLN A 158 -18.78 -34.12 11.13
N ASP A 159 -19.64 -34.43 10.17
CA ASP A 159 -20.29 -35.75 10.09
C ASP A 159 -21.70 -35.56 10.69
N SER A 160 -21.94 -34.33 11.15
CA SER A 160 -23.20 -33.94 11.78
C SER A 160 -23.58 -32.55 11.27
N PHE A 161 -24.57 -31.91 11.89
CA PHE A 161 -25.25 -30.81 11.22
C PHE A 161 -24.68 -29.42 11.48
N HIS A 162 -24.02 -28.87 10.47
CA HIS A 162 -23.94 -27.42 10.25
C HIS A 162 -24.22 -27.16 8.77
N TRP A 163 -23.48 -27.84 7.89
CA TRP A 163 -23.66 -27.76 6.44
C TRP A 163 -25.13 -27.82 6.03
N GLN A 164 -25.88 -28.75 6.60
CA GLN A 164 -27.24 -29.02 6.16
C GLN A 164 -28.27 -28.10 6.81
N SER A 165 -27.85 -27.14 7.62
CA SER A 165 -28.77 -26.17 8.17
C SER A 165 -29.37 -25.33 7.04
N GLY A 166 -30.69 -25.11 7.10
CA GLY A 166 -31.39 -24.41 6.04
C GLY A 166 -31.10 -22.94 5.92
N SER A 167 -30.30 -22.37 6.84
CA SER A 167 -30.01 -20.94 6.77
C SER A 167 -29.04 -20.63 5.64
N ASN A 168 -27.96 -21.39 5.53
CA ASN A 168 -26.95 -21.15 4.50
C ASN A 168 -27.43 -21.68 3.16
N ALA A 169 -27.08 -20.95 2.10
CA ALA A 169 -27.47 -21.33 0.75
C ALA A 169 -26.52 -22.40 0.21
N SER A 170 -27.08 -23.52 -0.26
CA SER A 170 -26.29 -24.62 -0.78
C SER A 170 -26.79 -24.99 -2.17
N VAL A 171 -25.93 -25.63 -2.94
CA VAL A 171 -26.25 -26.07 -4.30
C VAL A 171 -25.63 -27.45 -4.52
N PHE A 172 -26.34 -28.30 -5.24
CA PHE A 172 -25.89 -29.66 -5.55
C PHE A 172 -25.66 -29.78 -7.05
N PHE A 173 -24.55 -30.41 -7.43
CA PHE A 173 -24.20 -30.60 -8.82
C PHE A 173 -23.39 -31.86 -8.98
N LYS A 174 -23.54 -32.53 -10.12
CA LYS A 174 -22.81 -33.75 -10.41
C LYS A 174 -21.48 -33.41 -11.09
N ILE A 175 -20.71 -34.44 -11.41
CA ILE A 175 -19.44 -34.23 -12.10
C ILE A 175 -19.68 -33.86 -13.55
N SER A 176 -20.49 -34.65 -14.27
CA SER A 176 -20.82 -34.37 -15.65
C SER A 176 -22.14 -33.62 -15.70
N ASP A 177 -22.08 -32.33 -16.05
CA ASP A 177 -23.21 -31.41 -16.08
C ASP A 177 -22.70 -30.02 -16.41
N PRO A 178 -23.57 -29.08 -16.77
CA PRO A 178 -23.15 -27.67 -16.84
C PRO A 178 -22.63 -27.20 -15.50
N PRO A 179 -21.56 -26.42 -15.49
CA PRO A 179 -20.97 -25.99 -14.20
C PRO A 179 -21.96 -25.21 -13.36
N ALA A 180 -21.96 -25.50 -12.06
CA ALA A 180 -22.84 -24.82 -11.13
C ALA A 180 -22.51 -23.33 -11.09
N ARG A 181 -23.52 -22.49 -11.29
CA ARG A 181 -23.34 -21.06 -11.39
C ARG A 181 -24.33 -20.35 -10.48
N ILE A 182 -23.81 -19.62 -9.51
CA ILE A 182 -24.63 -18.85 -8.57
C ILE A 182 -24.15 -17.41 -8.57
N THR A 183 -25.08 -16.49 -8.27
CA THR A 183 -24.78 -15.06 -8.22
C THR A 183 -24.95 -14.59 -6.78
N ILE A 184 -23.85 -14.19 -6.17
CA ILE A 184 -23.89 -13.67 -4.80
C ILE A 184 -24.28 -12.20 -4.85
N PRO A 185 -25.30 -11.77 -4.10
CA PRO A 185 -25.70 -10.36 -4.12
C PRO A 185 -24.69 -9.46 -3.40
N PHE A 186 -25.04 -8.19 -3.23
CA PHE A 186 -24.16 -7.23 -2.57
C PHE A 186 -24.50 -7.21 -1.08
N MET A 187 -23.58 -7.70 -0.25
CA MET A 187 -23.76 -7.74 1.20
C MET A 187 -22.75 -6.81 1.84
N CYS A 188 -23.22 -5.70 2.37
CA CYS A 188 -22.34 -4.75 3.04
C CYS A 188 -23.17 -3.91 4.02
N ILE A 189 -22.47 -3.38 5.03
CA ILE A 189 -23.10 -2.39 5.90
C ILE A 189 -23.06 -1.02 5.23
N ASN A 190 -21.97 -0.71 4.54
CA ASN A 190 -21.78 0.58 3.89
C ASN A 190 -22.29 0.51 2.45
N SER A 191 -22.00 1.55 1.67
CA SER A 191 -22.52 1.64 0.31
C SER A 191 -21.74 0.77 -0.68
N ALA A 192 -20.43 0.59 -0.45
CA ALA A 192 -19.61 -0.14 -1.40
C ALA A 192 -18.41 -0.74 -0.68
N TYR A 193 -17.77 -1.71 -1.34
CA TYR A 193 -16.57 -2.33 -0.78
C TYR A 193 -15.44 -1.32 -0.68
N SER A 194 -14.53 -1.58 0.25
CA SER A 194 -13.34 -0.74 0.46
C SER A 194 -12.10 -1.56 0.11
N VAL A 195 -11.45 -1.21 -1.00
CA VAL A 195 -10.19 -1.85 -1.35
C VAL A 195 -9.05 -1.23 -0.56
N PHE A 196 -9.06 0.10 -0.40
CA PHE A 196 -8.07 0.82 0.38
C PHE A 196 -8.75 1.36 1.63
N TYR A 197 -8.38 0.82 2.79
CA TYR A 197 -8.94 1.22 4.07
C TYR A 197 -7.80 1.74 4.94
N ASP A 198 -7.84 3.04 5.23
CA ASP A 198 -6.84 3.68 6.10
C ASP A 198 -7.40 3.70 7.51
N GLY A 199 -6.82 2.91 8.40
CA GLY A 199 -7.33 2.79 9.74
C GLY A 199 -6.99 1.43 10.32
N PHE A 200 -7.72 1.05 11.36
CA PHE A 200 -7.47 -0.19 12.07
C PHE A 200 -8.77 -0.98 12.21
N ALA A 201 -8.63 -2.25 12.51
CA ALA A 201 -9.77 -3.17 12.54
C ALA A 201 -10.55 -2.99 13.84
N GLY A 202 -11.84 -2.64 13.70
CA GLY A 202 -12.70 -2.40 14.83
C GLY A 202 -12.15 -1.28 15.69
N PHE A 203 -12.59 -1.27 16.94
CA PHE A 203 -11.99 -0.43 17.95
C PHE A 203 -11.34 -1.37 18.97
N GLU A 204 -10.05 -1.66 18.76
CA GLU A 204 -9.25 -2.28 19.81
C GLU A 204 -8.19 -1.31 20.34
N LYS A 205 -8.03 -0.16 19.68
CA LYS A 205 -6.95 0.76 20.02
C LYS A 205 -5.58 0.07 20.02
N ASN A 206 -5.00 -0.10 18.82
CA ASN A 206 -3.97 -1.08 18.40
C ASN A 206 -4.52 -2.24 17.58
N GLY A 207 -5.82 -2.24 17.30
CA GLY A 207 -6.38 -3.25 16.43
C GLY A 207 -5.71 -3.33 15.07
N LEU A 208 -5.90 -4.46 14.38
CA LEU A 208 -5.16 -4.79 13.16
C LEU A 208 -5.28 -3.69 12.13
N TYR A 209 -4.14 -3.37 11.50
CA TYR A 209 -4.08 -2.35 10.46
C TYR A 209 -4.35 -2.98 9.09
N GLY A 210 -5.03 -2.23 8.23
CA GLY A 210 -5.20 -2.61 6.85
C GLY A 210 -6.36 -3.54 6.56
N ILE A 211 -7.10 -3.98 7.56
CA ILE A 211 -8.24 -4.89 7.37
C ILE A 211 -9.47 -4.23 7.98
N ASN A 212 -10.49 -4.04 7.17
CA ASN A 212 -11.73 -3.42 7.62
C ASN A 212 -12.74 -4.49 8.01
N PRO A 213 -13.16 -4.57 9.26
CA PRO A 213 -14.20 -5.56 9.63
C PRO A 213 -15.54 -5.28 8.98
N ALA A 214 -15.75 -4.05 8.48
CA ALA A 214 -17.03 -3.70 7.88
C ALA A 214 -17.31 -4.51 6.62
N ASP A 215 -16.27 -4.85 5.85
CA ASP A 215 -16.44 -5.58 4.60
C ASP A 215 -15.86 -6.97 4.75
N THR A 216 -16.74 -7.97 4.87
CA THR A 216 -16.36 -9.37 4.68
C THR A 216 -17.54 -10.06 4.02
N ILE A 217 -17.29 -10.72 2.89
CA ILE A 217 -18.37 -11.38 2.17
C ILE A 217 -18.75 -12.69 2.85
N GLY A 218 -17.76 -13.52 3.15
CA GLY A 218 -18.02 -14.80 3.80
C GLY A 218 -17.02 -15.85 3.35
N ASN A 219 -17.34 -17.09 3.65
CA ASN A 219 -16.51 -18.23 3.28
C ASN A 219 -17.30 -19.17 2.36
N LEU A 220 -16.61 -19.68 1.35
CA LEU A 220 -17.18 -20.63 0.39
C LEU A 220 -16.77 -22.03 0.82
N CYS A 221 -17.74 -22.84 1.23
CA CYS A 221 -17.50 -24.17 1.75
C CYS A 221 -18.04 -25.22 0.78
N VAL A 222 -17.18 -26.14 0.36
CA VAL A 222 -17.55 -27.17 -0.61
C VAL A 222 -17.07 -28.52 -0.08
N ARG A 223 -17.97 -29.51 -0.09
CA ARG A 223 -17.63 -30.88 0.28
C ARG A 223 -18.35 -31.84 -0.66
N ILE A 224 -17.95 -33.10 -0.60
CA ILE A 224 -18.57 -34.16 -1.39
C ILE A 224 -19.73 -34.74 -0.59
N VAL A 225 -20.88 -34.90 -1.26
CA VAL A 225 -22.07 -35.41 -0.58
C VAL A 225 -21.91 -36.88 -0.25
N ASN A 226 -21.44 -37.68 -1.21
CA ASN A 226 -21.34 -39.12 -1.01
C ASN A 226 -20.26 -39.45 0.02
N GLU A 227 -20.37 -40.66 0.58
CA GLU A 227 -19.40 -41.15 1.54
C GLU A 227 -18.11 -41.54 0.82
N HIS A 228 -17.18 -42.13 1.57
CA HIS A 228 -15.89 -42.54 1.02
C HIS A 228 -16.07 -43.53 -0.12
N GLN A 229 -15.49 -43.22 -1.28
CA GLN A 229 -15.54 -44.11 -2.43
C GLN A 229 -14.18 -44.76 -2.64
N PRO A 230 -14.10 -46.09 -2.72
CA PRO A 230 -12.79 -46.76 -2.81
C PRO A 230 -12.10 -46.54 -4.16
N VAL A 231 -11.63 -45.32 -4.41
CA VAL A 231 -10.85 -45.02 -5.61
C VAL A 231 -9.66 -44.17 -5.19
N GLY A 232 -8.64 -44.15 -6.05
CA GLY A 232 -7.45 -43.35 -5.79
C GLY A 232 -7.43 -42.07 -6.60
N PHE A 233 -8.60 -41.63 -7.06
CA PHE A 233 -8.70 -40.45 -7.90
C PHE A 233 -8.68 -39.19 -7.05
N THR A 234 -8.10 -38.13 -7.61
CA THR A 234 -8.00 -36.84 -6.94
C THR A 234 -8.99 -35.87 -7.59
N VAL A 235 -9.81 -35.22 -6.76
CA VAL A 235 -10.81 -34.29 -7.26
C VAL A 235 -10.23 -32.89 -7.30
N THR A 236 -10.29 -32.26 -8.47
CA THR A 236 -9.80 -30.89 -8.66
C THR A 236 -10.98 -29.94 -8.84
N VAL A 237 -11.02 -28.89 -8.02
CA VAL A 237 -12.12 -27.93 -8.03
C VAL A 237 -11.56 -26.57 -8.43
N ARG A 238 -12.23 -25.94 -9.39
CA ARG A 238 -11.85 -24.61 -9.87
C ARG A 238 -13.03 -23.67 -9.68
N VAL A 239 -12.77 -22.49 -9.10
CA VAL A 239 -13.79 -21.51 -8.79
C VAL A 239 -13.49 -20.23 -9.57
N TYR A 240 -14.39 -19.85 -10.46
CA TYR A 240 -14.25 -18.63 -11.25
C TYR A 240 -15.26 -17.59 -10.75
N MET A 241 -14.84 -16.33 -10.75
CA MET A 241 -15.67 -15.23 -10.28
C MET A 241 -15.64 -14.10 -11.29
N LYS A 242 -16.80 -13.80 -11.87
CA LYS A 242 -16.94 -12.69 -12.81
C LYS A 242 -17.90 -11.65 -12.22
N PRO A 243 -17.43 -10.48 -11.82
CA PRO A 243 -18.32 -9.49 -11.22
C PRO A 243 -19.23 -8.84 -12.25
N LYS A 244 -20.42 -8.43 -11.79
CA LYS A 244 -21.40 -7.76 -12.64
C LYS A 244 -21.91 -6.53 -11.91
N HIS A 245 -22.56 -5.65 -12.68
CA HIS A 245 -23.11 -4.39 -12.17
C HIS A 245 -22.03 -3.60 -11.41
N ILE A 246 -20.90 -3.38 -12.07
CA ILE A 246 -19.74 -2.79 -11.45
C ILE A 246 -19.85 -1.28 -11.47
N LYS A 247 -19.65 -0.65 -10.32
CA LYS A 247 -19.66 0.80 -10.18
C LYS A 247 -18.34 1.22 -9.55
N ALA A 248 -17.67 2.22 -10.15
CA ALA A 248 -16.33 2.60 -9.76
C ALA A 248 -16.31 4.03 -9.20
N TRP A 249 -15.37 4.25 -8.29
CA TRP A 249 -15.14 5.57 -7.71
C TRP A 249 -13.68 5.73 -7.35
N ALA A 250 -13.18 6.97 -7.45
CA ALA A 250 -11.85 7.36 -7.01
C ALA A 250 -10.76 6.49 -7.61
N PRO A 251 -10.45 6.64 -8.90
CA PRO A 251 -9.34 5.86 -9.48
C PRO A 251 -8.01 6.26 -8.88
N ARG A 252 -7.11 5.28 -8.76
CA ARG A 252 -5.83 5.52 -8.11
C ARG A 252 -4.68 5.17 -9.05
N PRO A 253 -3.43 5.44 -8.67
CA PRO A 253 -2.32 5.06 -9.53
C PRO A 253 -2.07 3.56 -9.49
N PRO A 254 -1.63 2.97 -10.59
CA PRO A 254 -1.23 1.56 -10.56
C PRO A 254 0.00 1.35 -9.68
N ARG A 255 0.14 0.12 -9.20
CA ARG A 255 1.27 -0.27 -8.37
C ARG A 255 2.24 -1.11 -9.20
N THR A 256 3.40 -0.53 -9.51
CA THR A 256 4.38 -1.24 -10.34
C THR A 256 5.18 -2.25 -9.52
N LEU A 257 5.46 -1.93 -8.26
CA LEU A 257 6.30 -2.77 -7.44
C LEU A 257 5.61 -4.08 -7.09
N PRO A 258 6.38 -5.17 -6.92
CA PRO A 258 5.78 -6.47 -6.64
C PRO A 258 5.09 -6.51 -5.29
N TYR A 259 4.25 -7.53 -5.11
CA TYR A 259 3.51 -7.73 -3.87
C TYR A 259 4.31 -8.63 -2.94
N MET A 260 4.73 -8.08 -1.80
CA MET A 260 5.44 -8.89 -0.81
C MET A 260 4.47 -9.76 -0.02
N SER A 261 3.36 -9.18 0.44
CA SER A 261 2.36 -9.89 1.21
C SER A 261 0.98 -9.35 0.86
N ILE A 262 -0.02 -10.23 0.97
CA ILE A 262 -1.40 -9.85 0.64
C ILE A 262 -2.09 -9.12 1.79
N ALA A 263 -1.49 -9.10 2.98
CA ALA A 263 -2.13 -8.50 4.15
C ALA A 263 -1.98 -6.98 4.21
N ASN A 264 -1.05 -6.40 3.46
CA ASN A 264 -0.80 -4.96 3.54
C ASN A 264 -0.08 -4.51 2.28
N ALA A 265 0.25 -3.21 2.24
CA ALA A 265 0.74 -2.54 1.05
C ALA A 265 2.27 -2.47 0.98
N ASN A 266 2.98 -3.11 1.90
CA ASN A 266 4.44 -3.01 1.93
C ASN A 266 5.05 -3.41 0.60
N TYR A 267 6.11 -2.69 0.21
CA TYR A 267 6.80 -2.89 -1.06
C TYR A 267 8.26 -3.20 -0.79
N LYS A 268 8.91 -3.83 -1.77
CA LYS A 268 10.30 -4.22 -1.64
C LYS A 268 11.21 -3.24 -2.38
N GLY A 269 11.17 -3.26 -3.70
CA GLY A 269 11.98 -2.37 -4.51
C GLY A 269 13.46 -2.71 -4.48
N GLY B 1 -45.01 -30.61 -23.72
CA GLY B 1 -44.80 -29.18 -23.72
C GLY B 1 -44.31 -28.64 -25.05
N VAL B 2 -43.20 -27.91 -25.01
CA VAL B 2 -42.60 -27.30 -26.20
C VAL B 2 -41.41 -28.17 -26.60
N PRO B 3 -41.44 -28.86 -27.73
CA PRO B 3 -40.29 -29.68 -28.12
C PRO B 3 -39.09 -28.82 -28.47
N THR B 4 -37.92 -29.19 -27.95
CA THR B 4 -36.69 -28.47 -28.18
C THR B 4 -35.57 -29.46 -28.46
N TYR B 5 -34.55 -28.98 -29.18
CA TYR B 5 -33.38 -29.78 -29.49
C TYR B 5 -32.12 -28.99 -29.15
N LEU B 6 -31.10 -29.70 -28.68
CA LEU B 6 -29.87 -29.07 -28.23
C LEU B 6 -29.03 -28.64 -29.43
N LEU B 7 -28.59 -27.39 -29.40
CA LEU B 7 -27.72 -26.86 -30.45
C LEU B 7 -26.28 -27.30 -30.20
N PRO B 8 -25.45 -27.35 -31.24
CA PRO B 8 -24.03 -27.67 -31.04
C PRO B 8 -23.36 -26.65 -30.13
N GLY B 9 -22.62 -27.15 -29.15
CA GLY B 9 -21.98 -26.29 -28.18
C GLY B 9 -22.85 -25.92 -27.00
N SER B 10 -23.83 -26.75 -26.66
CA SER B 10 -24.70 -26.49 -25.53
C SER B 10 -24.13 -27.11 -24.26
N GLY B 11 -24.20 -26.37 -23.16
CA GLY B 11 -23.67 -26.81 -21.89
C GLY B 11 -22.23 -26.43 -21.62
N GLN B 12 -21.53 -25.87 -22.60
CA GLN B 12 -20.15 -25.46 -22.40
C GLN B 12 -20.08 -24.21 -21.54
N PHE B 13 -18.92 -24.01 -20.91
CA PHE B 13 -18.66 -22.85 -20.07
C PHE B 13 -17.76 -21.88 -20.82
N LEU B 14 -18.29 -20.69 -21.14
CA LEU B 14 -17.54 -19.65 -21.81
C LEU B 14 -17.10 -18.60 -20.80
N THR B 15 -15.91 -18.05 -21.01
CA THR B 15 -15.38 -17.06 -20.08
C THR B 15 -16.00 -15.68 -20.31
N THR B 16 -16.24 -15.33 -21.58
CA THR B 16 -16.71 -14.00 -21.93
C THR B 16 -18.23 -13.90 -22.04
N ASP B 17 -18.97 -14.97 -21.76
CA ASP B 17 -20.42 -14.94 -21.90
C ASP B 17 -21.06 -14.08 -20.83
N ASP B 18 -22.22 -13.53 -21.15
CA ASP B 18 -23.01 -12.73 -20.21
C ASP B 18 -24.43 -13.27 -20.21
N HIS B 19 -24.85 -13.82 -19.05
CA HIS B 19 -26.18 -14.38 -18.91
C HIS B 19 -26.62 -14.24 -17.45
N SER B 20 -27.93 -14.36 -17.25
CA SER B 20 -28.47 -14.29 -15.90
C SER B 20 -28.48 -15.67 -15.25
N SER B 21 -28.13 -15.70 -13.96
CA SER B 21 -28.08 -16.93 -13.19
C SER B 21 -28.95 -16.78 -11.94
N ALA B 22 -29.27 -17.92 -11.34
CA ALA B 22 -30.12 -17.92 -10.15
C ALA B 22 -29.38 -17.25 -9.00
N PRO B 23 -30.03 -16.35 -8.26
CA PRO B 23 -29.35 -15.68 -7.13
C PRO B 23 -29.12 -16.65 -5.97
N ALA B 24 -28.04 -16.40 -5.22
CA ALA B 24 -27.70 -17.27 -4.12
C ALA B 24 -28.56 -16.99 -2.87
N LEU B 25 -28.82 -15.71 -2.57
CA LEU B 25 -29.58 -15.33 -1.39
C LEU B 25 -30.77 -14.47 -1.80
N PRO B 26 -31.91 -15.08 -2.08
CA PRO B 26 -33.10 -14.32 -2.44
C PRO B 26 -33.70 -13.61 -1.22
N CYS B 27 -34.54 -12.62 -1.50
CA CYS B 27 -35.24 -11.84 -0.49
C CYS B 27 -34.25 -11.10 0.40
N PHE B 28 -33.17 -10.63 -0.22
CA PHE B 28 -32.14 -9.85 0.45
C PHE B 28 -32.00 -8.52 -0.29
N ASN B 29 -32.13 -7.43 0.44
CA ASN B 29 -32.04 -6.09 -0.14
C ASN B 29 -30.68 -5.48 0.14
N PRO B 30 -29.84 -5.28 -0.88
CA PRO B 30 -28.54 -4.64 -0.66
C PRO B 30 -28.70 -3.22 -0.15
N THR B 31 -27.61 -2.72 0.44
CA THR B 31 -27.59 -1.37 0.96
C THR B 31 -27.83 -0.37 -0.18
N PRO B 32 -28.68 0.63 0.04
CA PRO B 32 -28.90 1.64 -1.01
C PRO B 32 -27.62 2.39 -1.35
N GLU B 33 -27.63 3.01 -2.52
CA GLU B 33 -26.43 3.63 -3.06
C GLU B 33 -26.39 5.10 -2.66
N MET B 34 -25.45 5.44 -1.79
CA MET B 34 -25.17 6.83 -1.48
C MET B 34 -24.33 7.45 -2.59
N HIS B 35 -24.45 8.77 -2.74
CA HIS B 35 -23.71 9.45 -3.80
C HIS B 35 -22.27 9.62 -3.36
N ILE B 36 -21.35 9.05 -4.13
CA ILE B 36 -19.92 9.05 -3.84
C ILE B 36 -19.23 9.92 -4.87
N PRO B 37 -18.50 10.96 -4.47
CA PRO B 37 -17.82 11.83 -5.44
C PRO B 37 -16.89 11.04 -6.34
N GLY B 38 -16.70 11.56 -7.55
CA GLY B 38 -15.81 10.95 -8.52
C GLY B 38 -16.26 9.61 -9.06
N GLN B 39 -17.48 9.55 -9.59
CA GLN B 39 -17.96 8.34 -10.25
C GLN B 39 -17.34 8.23 -11.63
N VAL B 40 -16.66 7.13 -11.90
CA VAL B 40 -15.97 6.89 -13.16
C VAL B 40 -16.73 5.80 -13.91
N ARG B 41 -17.42 6.18 -14.98
CA ARG B 41 -18.13 5.23 -15.82
C ARG B 41 -17.34 4.81 -17.06
N ASN B 42 -16.16 5.37 -17.29
CA ASN B 42 -15.38 5.06 -18.47
C ASN B 42 -13.90 5.16 -18.13
N MET B 43 -13.11 4.26 -18.70
CA MET B 43 -11.67 4.25 -18.45
C MET B 43 -10.93 5.36 -19.19
N LEU B 44 -11.57 6.02 -20.16
CA LEU B 44 -10.90 7.10 -20.88
C LEU B 44 -10.78 8.35 -20.03
N GLU B 45 -11.69 8.55 -19.07
CA GLU B 45 -11.59 9.71 -18.19
C GLU B 45 -10.33 9.65 -17.33
N VAL B 46 -9.90 8.45 -16.96
CA VAL B 46 -8.65 8.31 -16.22
C VAL B 46 -7.45 8.60 -17.13
N VAL B 47 -7.55 8.23 -18.40
CA VAL B 47 -6.44 8.41 -19.32
C VAL B 47 -6.27 9.88 -19.70
N GLN B 48 -7.38 10.63 -19.83
CA GLN B 48 -7.31 12.02 -20.21
C GLN B 48 -6.65 12.91 -19.17
N VAL B 49 -6.48 12.43 -17.94
CA VAL B 49 -5.82 13.21 -16.90
C VAL B 49 -4.33 13.22 -17.17
N GLU B 50 -3.70 14.38 -16.98
CA GLU B 50 -2.28 14.53 -17.25
C GLU B 50 -1.46 13.68 -16.29
N SER B 51 -0.28 13.26 -16.76
CA SER B 51 0.61 12.43 -15.98
C SER B 51 2.04 12.91 -16.19
N MET B 52 2.95 12.43 -15.33
CA MET B 52 4.34 12.84 -15.37
C MET B 52 5.12 11.91 -16.29
N MET B 53 5.83 12.49 -17.25
CA MET B 53 6.81 11.75 -18.02
C MET B 53 8.16 11.80 -17.33
N GLU B 54 8.91 10.71 -17.38
CA GLU B 54 10.26 10.67 -16.82
C GLU B 54 11.24 10.81 -17.97
N ILE B 55 11.85 11.99 -18.09
CA ILE B 55 12.76 12.26 -19.19
C ILE B 55 14.22 11.99 -18.81
N ASN B 56 14.52 11.77 -17.53
CA ASN B 56 15.89 11.75 -17.06
C ASN B 56 16.46 10.34 -17.08
N ASN B 57 15.69 9.37 -17.60
CA ASN B 57 16.09 7.97 -17.57
C ASN B 57 17.44 7.83 -18.28
N THR B 58 18.40 7.27 -17.53
CA THR B 58 19.80 7.13 -17.94
C THR B 58 20.42 6.02 -17.10
N GLU B 59 21.73 5.87 -17.23
CA GLU B 59 22.47 5.00 -16.33
C GLU B 59 22.66 5.69 -14.98
N SER B 60 22.53 4.92 -13.91
CA SER B 60 22.65 5.38 -12.53
C SER B 60 21.66 6.49 -12.17
N ALA B 61 20.44 6.43 -12.71
CA ALA B 61 19.39 7.40 -12.36
C ALA B 61 18.29 6.67 -11.62
N VAL B 62 18.17 6.99 -10.33
CA VAL B 62 17.20 6.36 -9.43
C VAL B 62 16.61 7.43 -8.53
N GLY B 63 15.29 7.37 -8.33
CA GLY B 63 14.67 8.29 -7.39
C GLY B 63 14.10 9.57 -8.01
N MET B 64 14.00 10.59 -7.16
CA MET B 64 13.23 11.79 -7.44
C MET B 64 13.74 12.60 -8.63
N GLU B 65 15.02 12.51 -8.95
CA GLU B 65 15.60 13.32 -10.01
C GLU B 65 15.35 12.74 -11.40
N ARG B 66 14.69 11.58 -11.49
CA ARG B 66 14.31 10.99 -12.77
C ARG B 66 13.17 11.76 -13.43
N LEU B 67 12.44 12.58 -12.66
CA LEU B 67 11.35 13.40 -13.18
C LEU B 67 11.78 14.73 -13.77
N LYS B 68 13.02 15.18 -13.53
CA LYS B 68 13.48 16.49 -13.95
C LYS B 68 14.71 16.36 -14.83
N VAL B 69 14.95 17.38 -15.65
CA VAL B 69 16.13 17.43 -16.50
C VAL B 69 16.93 18.67 -16.12
N ASP B 70 18.13 18.46 -15.58
CA ASP B 70 18.96 19.56 -15.12
C ASP B 70 19.51 20.36 -16.30
N ILE B 71 19.38 21.69 -16.21
CA ILE B 71 19.92 22.61 -17.20
C ILE B 71 20.73 23.66 -16.45
N SER B 72 22.04 23.69 -16.70
CA SER B 72 22.92 24.63 -16.03
C SER B 72 23.22 25.83 -16.94
N ALA B 73 24.01 26.76 -16.43
CA ALA B 73 24.40 27.95 -17.18
C ALA B 73 25.69 27.74 -17.97
N LEU B 74 26.36 26.60 -17.82
CA LEU B 74 27.59 26.31 -18.52
C LEU B 74 27.38 25.57 -19.84
N THR B 75 26.13 25.27 -20.19
CA THR B 75 25.86 24.57 -21.44
C THR B 75 26.11 25.50 -22.62
N ASP B 76 26.36 24.90 -23.79
CA ASP B 76 26.64 25.66 -25.00
C ASP B 76 25.38 25.79 -25.85
N VAL B 77 25.54 26.40 -27.03
CA VAL B 77 24.41 26.61 -27.92
C VAL B 77 24.21 25.37 -28.78
N ASP B 78 22.93 25.00 -28.99
CA ASP B 78 22.54 23.87 -29.82
C ASP B 78 23.14 22.56 -29.31
N GLN B 79 22.67 22.14 -28.14
CA GLN B 79 23.02 20.86 -27.56
C GLN B 79 21.73 20.08 -27.34
N LEU B 80 21.73 18.80 -27.70
CA LEU B 80 20.53 17.99 -27.57
C LEU B 80 20.24 17.71 -26.09
N LEU B 81 19.05 18.10 -25.65
CA LEU B 81 18.60 17.86 -24.29
C LEU B 81 18.11 16.45 -24.06
N PHE B 82 17.31 15.91 -24.97
CA PHE B 82 16.71 14.58 -24.83
C PHE B 82 15.87 14.20 -26.04
N ASN B 83 15.39 12.96 -26.06
CA ASN B 83 14.43 12.49 -27.05
C ASN B 83 13.44 11.55 -26.38
N ILE B 84 12.17 11.68 -26.75
CA ILE B 84 11.09 10.93 -26.12
C ILE B 84 10.51 9.98 -27.17
N PRO B 85 10.74 8.68 -27.08
CA PRO B 85 10.04 7.74 -27.96
C PRO B 85 8.57 7.65 -27.59
N LEU B 86 7.74 7.42 -28.61
CA LEU B 86 6.30 7.31 -28.43
C LEU B 86 5.82 5.87 -28.27
N ASP B 87 6.73 4.90 -28.27
CA ASP B 87 6.33 3.49 -28.17
C ASP B 87 5.83 3.20 -26.76
N ILE B 88 4.60 2.69 -26.65
CA ILE B 88 4.04 2.36 -25.35
C ILE B 88 4.56 1.02 -24.85
N GLN B 89 4.65 0.02 -25.72
CA GLN B 89 5.07 -1.31 -25.30
C GLN B 89 6.54 -1.32 -24.86
N LEU B 90 7.40 -0.65 -25.62
CA LEU B 90 8.79 -0.51 -25.21
C LEU B 90 8.87 0.51 -24.08
N ASP B 91 10.06 0.71 -23.53
CA ASP B 91 10.23 1.63 -22.40
C ASP B 91 10.84 2.95 -22.89
N GLY B 92 10.01 3.99 -22.92
CA GLY B 92 10.45 5.34 -23.09
C GLY B 92 10.26 6.13 -21.82
N PRO B 93 10.15 7.45 -21.94
CA PRO B 93 9.61 8.25 -20.84
C PRO B 93 8.16 7.91 -20.52
N LEU B 94 7.45 7.25 -21.43
CA LEU B 94 6.04 6.96 -21.31
C LEU B 94 5.75 5.61 -20.68
N ARG B 95 6.77 4.89 -20.21
CA ARG B 95 6.57 3.53 -19.72
C ARG B 95 5.51 3.48 -18.63
N ASN B 96 5.67 4.27 -17.58
CA ASN B 96 4.67 4.35 -16.51
C ASN B 96 4.05 5.74 -16.54
N THR B 97 2.79 5.81 -16.97
CA THR B 97 1.99 7.02 -17.00
C THR B 97 0.53 6.65 -16.75
N LEU B 98 -0.36 7.63 -16.87
CA LEU B 98 -1.78 7.33 -16.85
C LEU B 98 -2.25 6.78 -18.20
N VAL B 99 -1.69 7.29 -19.30
CA VAL B 99 -2.04 6.76 -20.62
C VAL B 99 -1.32 5.44 -20.90
N GLY B 100 -0.10 5.28 -20.38
CA GLY B 100 0.68 4.09 -20.63
C GLY B 100 0.21 2.87 -19.87
N ASN B 101 -0.05 3.04 -18.58
CA ASN B 101 -0.43 1.89 -17.75
C ASN B 101 -1.79 1.33 -18.13
N ILE B 102 -2.71 2.18 -18.57
CA ILE B 102 -4.02 1.71 -18.98
C ILE B 102 -3.95 1.07 -20.37
N SER B 103 -3.09 1.58 -21.25
CA SER B 103 -2.99 1.04 -22.60
C SER B 103 -2.33 -0.35 -22.61
N ARG B 104 -1.61 -0.72 -21.55
CA ARG B 104 -0.99 -2.03 -21.50
C ARG B 104 -2.00 -3.16 -21.30
N TYR B 105 -3.22 -2.83 -20.91
CA TYR B 105 -4.31 -3.81 -20.84
C TYR B 105 -4.95 -4.04 -22.21
N TYR B 106 -4.56 -3.28 -23.23
CA TYR B 106 -5.14 -3.34 -24.56
C TYR B 106 -4.02 -3.58 -25.57
N THR B 107 -4.39 -3.68 -26.84
CA THR B 107 -3.43 -3.85 -27.92
C THR B 107 -3.46 -2.68 -28.87
N HIS B 108 -4.53 -2.57 -29.65
CA HIS B 108 -4.67 -1.48 -30.60
C HIS B 108 -5.01 -0.19 -29.86
N TRP B 109 -4.27 0.88 -30.14
CA TRP B 109 -4.52 2.19 -29.57
C TRP B 109 -4.38 3.25 -30.65
N SER B 110 -5.38 4.11 -30.78
CA SER B 110 -5.38 5.16 -31.77
C SER B 110 -5.97 6.42 -31.16
N GLY B 111 -5.27 7.54 -31.33
CA GLY B 111 -5.75 8.80 -30.81
C GLY B 111 -4.64 9.84 -30.81
N SER B 112 -5.06 11.08 -30.58
CA SER B 112 -4.14 12.21 -30.51
C SER B 112 -3.71 12.45 -29.06
N LEU B 113 -2.42 12.67 -28.87
CA LEU B 113 -1.86 12.92 -27.55
C LEU B 113 -1.61 14.41 -27.36
N GLU B 114 -1.11 14.76 -26.18
CA GLU B 114 -0.79 16.13 -25.82
C GLU B 114 0.37 16.12 -24.84
N MET B 115 1.26 17.10 -24.97
CA MET B 115 2.41 17.24 -24.08
C MET B 115 2.45 18.63 -23.48
N THR B 116 2.72 18.71 -22.18
CA THR B 116 2.79 19.98 -21.46
C THR B 116 4.12 20.02 -20.72
N PHE B 117 4.88 21.09 -20.93
CA PHE B 117 6.17 21.29 -20.28
C PHE B 117 6.09 22.48 -19.33
N MET B 118 6.67 22.33 -18.15
CA MET B 118 6.66 23.38 -17.13
C MET B 118 8.09 23.62 -16.66
N PHE B 119 8.47 24.90 -16.55
CA PHE B 119 9.80 25.30 -16.12
C PHE B 119 9.77 25.64 -14.64
N CYS B 120 10.49 24.87 -13.84
CA CYS B 120 10.49 25.00 -12.39
C CYS B 120 11.62 25.89 -11.86
N GLY B 121 12.41 26.51 -12.74
CA GLY B 121 13.51 27.33 -12.30
C GLY B 121 13.04 28.65 -11.72
N SER B 122 14.00 29.54 -11.51
CA SER B 122 13.71 30.81 -10.86
C SER B 122 12.93 31.74 -11.79
N PHE B 123 12.59 32.92 -11.26
CA PHE B 123 11.79 33.87 -12.02
C PHE B 123 12.62 34.66 -13.03
N MET B 124 13.89 34.89 -12.75
CA MET B 124 14.73 35.74 -13.56
C MET B 124 15.46 34.99 -14.67
N ALA B 125 15.20 33.69 -14.84
CA ALA B 125 15.91 32.91 -15.84
C ALA B 125 15.48 33.34 -17.24
N ALA B 126 16.46 33.70 -18.07
CA ALA B 126 16.21 34.13 -19.43
C ALA B 126 16.60 33.02 -20.41
N GLY B 127 16.51 33.32 -21.70
CA GLY B 127 16.84 32.38 -22.75
C GLY B 127 15.59 31.85 -23.44
N LYS B 128 15.84 31.15 -24.55
CA LYS B 128 14.79 30.55 -25.35
C LYS B 128 15.15 29.10 -25.65
N LEU B 129 14.12 28.31 -25.97
CA LEU B 129 14.26 26.92 -26.36
C LEU B 129 13.57 26.67 -27.69
N ILE B 130 13.59 25.42 -28.13
CA ILE B 130 12.90 25.00 -29.34
C ILE B 130 12.21 23.68 -29.05
N LEU B 131 10.98 23.53 -29.53
CA LEU B 131 10.16 22.34 -29.29
C LEU B 131 9.68 21.83 -30.64
N CYS B 132 10.12 20.63 -31.00
CA CYS B 132 9.85 20.06 -32.32
C CYS B 132 9.31 18.64 -32.17
N TYR B 133 8.57 18.19 -33.18
CA TYR B 133 8.04 16.84 -33.21
C TYR B 133 8.51 16.14 -34.49
N THR B 134 8.71 14.83 -34.42
CA THR B 134 9.20 14.06 -35.55
C THR B 134 8.08 13.21 -36.13
N PRO B 135 7.75 13.38 -37.40
CA PRO B 135 6.75 12.51 -38.04
C PRO B 135 7.26 11.09 -38.12
N PRO B 136 6.38 10.11 -38.34
CA PRO B 136 6.85 8.72 -38.45
C PRO B 136 7.79 8.55 -39.63
N GLY B 137 8.93 7.91 -39.35
CA GLY B 137 10.00 7.83 -40.34
C GLY B 137 10.46 9.20 -40.80
N GLY B 138 10.72 10.10 -39.85
CA GLY B 138 10.94 11.50 -40.14
C GLY B 138 12.36 12.00 -40.15
N SER B 139 13.36 11.12 -40.32
CA SER B 139 14.75 11.52 -40.46
C SER B 139 15.21 12.34 -39.25
N CYS B 140 15.39 11.63 -38.14
CA CYS B 140 15.61 12.26 -36.84
C CYS B 140 16.69 13.34 -36.94
N PRO B 141 16.43 14.54 -36.40
CA PRO B 141 17.26 15.72 -36.65
C PRO B 141 18.68 15.53 -36.16
N THR B 142 19.66 15.87 -37.01
CA THR B 142 21.05 15.84 -36.60
C THR B 142 21.38 16.95 -35.60
N THR B 143 21.11 18.21 -35.99
CA THR B 143 21.35 19.32 -35.06
C THR B 143 20.10 20.16 -34.83
N ARG B 144 19.75 21.02 -35.79
CA ARG B 144 18.61 21.91 -35.65
C ARG B 144 17.66 21.93 -36.83
N GLU B 145 18.09 22.42 -38.00
CA GLU B 145 17.19 22.74 -39.11
C GLU B 145 16.34 21.56 -39.56
N THR B 146 16.83 20.33 -39.42
CA THR B 146 16.02 19.16 -39.74
C THR B 146 14.76 19.08 -38.90
N ALA B 147 14.82 19.46 -37.62
CA ALA B 147 13.65 19.54 -36.76
C ALA B 147 12.73 20.69 -37.14
N MET B 148 13.27 21.76 -37.71
CA MET B 148 12.49 22.91 -38.14
C MET B 148 11.56 22.62 -39.31
N LEU B 149 11.88 21.62 -40.15
CA LEU B 149 11.05 21.33 -41.31
C LEU B 149 9.65 20.86 -40.90
N GLY B 150 9.47 20.43 -39.65
CA GLY B 150 8.18 20.00 -39.19
C GLY B 150 7.49 21.03 -38.32
N THR B 151 6.48 20.62 -37.56
CA THR B 151 5.74 21.49 -36.66
C THR B 151 6.64 21.84 -35.48
N HIS B 152 6.80 23.13 -35.21
CA HIS B 152 7.66 23.57 -34.13
C HIS B 152 7.16 24.90 -33.59
N ILE B 153 7.62 25.24 -32.38
CA ILE B 153 7.28 26.49 -31.73
C ILE B 153 8.47 26.94 -30.89
N VAL B 154 8.72 28.24 -30.86
CA VAL B 154 9.78 28.82 -30.05
C VAL B 154 9.20 29.22 -28.70
N TRP B 155 9.75 28.65 -27.63
CA TRP B 155 9.22 28.84 -26.29
C TRP B 155 10.24 29.60 -25.45
N ASP B 156 9.79 30.64 -24.76
CA ASP B 156 10.63 31.49 -23.94
C ASP B 156 10.37 31.24 -22.47
N PHE B 157 11.43 31.36 -21.66
CA PHE B 157 11.28 31.17 -20.22
C PHE B 157 10.50 32.31 -19.58
N GLY B 158 10.77 33.55 -20.01
CA GLY B 158 10.19 34.70 -19.35
C GLY B 158 8.71 34.89 -19.64
N LEU B 159 8.31 34.76 -20.90
CA LEU B 159 6.93 35.04 -21.29
C LEU B 159 5.99 33.91 -20.85
N GLN B 160 6.12 32.74 -21.47
CA GLN B 160 5.23 31.63 -21.15
C GLN B 160 5.90 30.68 -20.16
N SER B 161 5.16 30.34 -19.09
CA SER B 161 5.63 29.42 -18.07
C SER B 161 5.14 28.00 -18.33
N SER B 162 4.37 27.81 -19.41
CA SER B 162 3.79 26.51 -19.70
C SER B 162 3.83 26.28 -21.20
N VAL B 163 3.63 25.01 -21.59
CA VAL B 163 3.68 24.60 -22.99
C VAL B 163 2.41 23.83 -23.33
N THR B 164 1.81 24.14 -24.47
CA THR B 164 0.66 23.40 -25.00
C THR B 164 1.04 22.85 -26.36
N LEU B 165 1.11 21.53 -26.48
CA LEU B 165 1.54 20.85 -27.70
C LEU B 165 0.53 19.78 -28.06
N ILE B 166 -0.05 19.87 -29.25
CA ILE B 166 -1.01 18.90 -29.74
C ILE B 166 -0.34 18.06 -30.82
N ILE B 167 -0.25 16.75 -30.58
CA ILE B 167 0.45 15.83 -31.48
C ILE B 167 -0.60 15.13 -32.34
N PRO B 168 -0.44 15.09 -33.66
CA PRO B 168 -1.53 14.62 -34.53
C PRO B 168 -1.68 13.11 -34.67
N TRP B 169 -2.36 12.47 -33.71
CA TRP B 169 -2.96 11.15 -33.91
C TRP B 169 -1.92 10.09 -34.30
N ILE B 170 -1.13 9.69 -33.30
CA ILE B 170 -0.13 8.65 -33.51
C ILE B 170 -0.90 7.34 -33.66
N SER B 171 -0.21 6.24 -33.94
CA SER B 171 -0.86 4.93 -34.00
C SER B 171 0.16 3.86 -33.67
N GLY B 172 -0.31 2.76 -33.05
CA GLY B 172 0.54 1.63 -32.77
C GLY B 172 -0.28 0.44 -32.30
N SER B 173 0.30 -0.74 -32.49
CA SER B 173 -0.36 -1.99 -32.09
C SER B 173 0.71 -3.09 -32.03
N HIS B 174 0.28 -4.32 -31.82
CA HIS B 174 1.19 -5.46 -31.74
C HIS B 174 1.24 -6.21 -33.07
N ASN B 188 10.67 2.32 -34.89
CA ASN B 188 10.97 3.74 -34.78
C ASN B 188 9.98 4.57 -35.59
N VAL B 189 9.09 5.28 -34.91
CA VAL B 189 8.09 6.10 -35.59
C VAL B 189 8.21 7.56 -35.15
N GLY B 190 7.82 7.87 -33.91
CA GLY B 190 7.80 9.23 -33.42
C GLY B 190 8.97 9.50 -32.48
N TYR B 191 9.06 10.77 -32.06
CA TYR B 191 10.16 11.31 -31.29
C TYR B 191 9.80 12.73 -30.92
N VAL B 192 10.53 13.29 -29.95
CA VAL B 192 10.42 14.69 -29.57
C VAL B 192 11.84 15.22 -29.39
N THR B 193 12.19 16.27 -30.12
CA THR B 193 13.52 16.84 -30.08
C THR B 193 13.49 18.20 -29.41
N CYS B 194 14.45 18.42 -28.51
CA CYS B 194 14.55 19.66 -27.76
C CYS B 194 16.02 20.07 -27.72
N PHE B 195 16.31 21.33 -28.05
CA PHE B 195 17.66 21.84 -28.13
C PHE B 195 17.76 23.17 -27.40
N MET B 196 18.95 23.76 -27.43
CA MET B 196 19.22 25.03 -26.76
C MET B 196 19.27 26.12 -27.82
N GLN B 197 18.28 27.01 -27.81
CA GLN B 197 18.29 28.13 -28.75
C GLN B 197 19.35 29.15 -28.37
N THR B 198 19.37 29.57 -27.11
CA THR B 198 20.37 30.50 -26.59
C THR B 198 20.88 29.97 -25.25
N ASN B 199 21.82 30.70 -24.66
CA ASN B 199 22.36 30.33 -23.37
C ASN B 199 21.35 30.65 -22.26
N LEU B 200 21.51 29.96 -21.12
CA LEU B 200 20.68 30.18 -19.96
C LEU B 200 21.25 31.33 -19.15
N ILE B 201 20.47 32.38 -18.96
CA ILE B 201 20.89 33.59 -18.27
C ILE B 201 20.20 33.64 -16.92
N VAL B 202 20.97 33.51 -15.85
CA VAL B 202 20.46 33.58 -14.48
C VAL B 202 21.30 34.58 -13.71
N PRO B 203 20.73 35.26 -12.70
CA PRO B 203 21.52 36.22 -11.93
C PRO B 203 22.52 35.52 -11.03
N SER B 204 23.29 36.33 -10.30
CA SER B 204 24.33 35.84 -9.41
C SER B 204 23.78 35.13 -8.17
N GLU B 205 22.66 35.60 -7.63
CA GLU B 205 22.07 35.00 -6.44
C GLU B 205 21.31 33.71 -6.73
N SER B 206 20.68 33.60 -7.90
CA SER B 206 19.95 32.39 -8.25
C SER B 206 20.90 31.25 -8.56
N SER B 207 20.39 30.03 -8.44
CA SER B 207 21.20 28.85 -8.73
C SER B 207 21.46 28.73 -10.23
N ASP B 208 22.54 28.02 -10.56
CA ASP B 208 22.91 27.85 -11.97
C ASP B 208 22.06 26.78 -12.65
N THR B 209 21.59 25.79 -11.88
CA THR B 209 20.88 24.66 -12.42
C THR B 209 19.38 24.82 -12.24
N CYS B 210 18.65 24.72 -13.34
CA CYS B 210 17.19 24.70 -13.33
C CYS B 210 16.76 23.34 -13.83
N SER B 211 15.44 23.11 -13.88
CA SER B 211 14.92 21.84 -14.36
C SER B 211 13.58 22.07 -15.05
N LEU B 212 13.02 20.99 -15.60
CA LEU B 212 11.73 21.01 -16.26
C LEU B 212 10.96 19.76 -15.88
N ILE B 213 9.64 19.80 -16.08
CA ILE B 213 8.77 18.65 -15.84
C ILE B 213 7.84 18.50 -17.03
N GLY B 214 7.90 17.35 -17.68
CA GLY B 214 7.02 17.07 -18.80
C GLY B 214 5.71 16.43 -18.36
N PHE B 215 4.66 16.65 -19.16
CA PHE B 215 3.35 16.09 -18.91
C PHE B 215 2.77 15.54 -20.19
N ILE B 216 1.86 14.57 -20.05
CA ILE B 216 1.17 13.99 -21.20
C ILE B 216 -0.25 13.63 -20.77
N ALA B 217 -1.20 13.84 -21.69
CA ALA B 217 -2.60 13.50 -21.47
C ALA B 217 -3.17 12.96 -22.78
N ALA B 218 -4.47 12.68 -22.78
CA ALA B 218 -5.15 12.15 -23.95
C ALA B 218 -6.30 13.09 -24.34
N LYS B 219 -6.53 13.21 -25.64
CA LYS B 219 -7.60 14.04 -26.15
C LYS B 219 -8.93 13.28 -26.11
N ASP B 220 -9.97 13.88 -26.71
CA ASP B 220 -11.28 13.25 -26.71
C ASP B 220 -11.42 12.18 -27.77
N ASP B 221 -10.50 12.12 -28.74
CA ASP B 221 -10.55 11.14 -29.82
C ASP B 221 -9.74 9.88 -29.50
N PHE B 222 -9.12 9.80 -28.32
CA PHE B 222 -8.33 8.64 -27.97
C PHE B 222 -9.25 7.44 -27.70
N SER B 223 -8.99 6.34 -28.40
CA SER B 223 -9.85 5.16 -28.35
C SER B 223 -9.04 3.93 -27.99
N LEU B 224 -9.73 2.92 -27.46
CA LEU B 224 -9.12 1.68 -27.00
C LEU B 224 -10.08 0.53 -27.23
N ARG B 225 -9.54 -0.69 -27.22
CA ARG B 225 -10.31 -1.90 -27.48
C ARG B 225 -9.41 -3.11 -27.35
N LEU B 226 -10.02 -4.30 -27.47
CA LEU B 226 -9.32 -5.58 -27.43
C LEU B 226 -8.57 -5.77 -26.11
N MET B 227 -9.33 -5.98 -25.04
CA MET B 227 -8.75 -6.19 -23.72
C MET B 227 -7.81 -7.39 -23.71
N ARG B 228 -6.72 -7.26 -22.95
CA ARG B 228 -5.75 -8.33 -22.78
C ARG B 228 -5.18 -8.24 -21.37
N ASP B 229 -4.13 -9.03 -21.11
CA ASP B 229 -3.50 -9.07 -19.79
C ASP B 229 -2.31 -8.12 -19.74
N SER B 230 -2.11 -7.51 -18.57
CA SER B 230 -1.01 -6.57 -18.39
C SER B 230 0.32 -7.30 -18.46
N PRO B 231 1.27 -6.86 -19.29
CA PRO B 231 2.55 -7.58 -19.40
C PRO B 231 3.38 -7.54 -18.14
N ASP B 232 3.17 -6.56 -17.26
CA ASP B 232 4.03 -6.38 -16.08
C ASP B 232 3.39 -7.09 -14.91
N ILE B 233 4.05 -8.15 -14.44
CA ILE B 233 3.60 -8.88 -13.25
C ILE B 233 3.99 -8.15 -11.98
N GLY B 234 5.03 -7.32 -12.04
CA GLY B 234 5.49 -6.58 -10.88
C GLY B 234 6.98 -6.27 -10.92
N VAL C 13 -3.26 38.98 -1.60
CA VAL C 13 -3.85 40.29 -1.35
C VAL C 13 -5.26 40.14 -0.76
N LEU C 14 -6.08 39.32 -1.42
CA LEU C 14 -7.43 39.10 -0.95
C LEU C 14 -7.44 38.26 0.33
N GLN C 15 -8.07 38.80 1.37
CA GLN C 15 -8.18 38.10 2.64
C GLN C 15 -9.42 37.20 2.62
N LEU C 16 -9.24 35.96 3.06
CA LEU C 16 -10.34 35.01 3.17
C LEU C 16 -10.77 34.95 4.64
N LYS C 17 -11.94 35.49 4.93
CA LYS C 17 -12.45 35.58 6.30
C LYS C 17 -13.50 34.50 6.51
N LEU C 18 -13.19 33.56 7.40
CA LEU C 18 -14.13 32.50 7.77
C LEU C 18 -14.12 32.38 9.28
N GLY C 19 -15.26 32.68 9.91
CA GLY C 19 -15.35 32.68 11.35
C GLY C 19 -14.82 33.95 11.99
N ASN C 20 -14.20 33.82 13.16
CA ASN C 20 -13.67 34.96 13.91
C ASN C 20 -12.25 35.32 13.53
N SER C 21 -11.63 34.57 12.60
CA SER C 21 -10.27 34.87 12.18
C SER C 21 -10.15 34.89 10.67
N ALA C 22 -8.93 35.01 10.15
CA ALA C 22 -8.66 35.10 8.72
C ALA C 22 -7.16 35.13 8.52
N ILE C 23 -6.74 34.86 7.28
CA ILE C 23 -5.34 34.81 6.90
C ILE C 23 -5.17 35.50 5.55
N VAL C 24 -4.17 36.38 5.45
CA VAL C 24 -3.88 37.03 4.19
C VAL C 24 -3.45 35.99 3.16
N THR C 25 -4.10 36.00 2.01
CA THR C 25 -3.87 35.00 0.98
C THR C 25 -3.86 35.66 -0.39
N GLN C 26 -3.40 34.90 -1.39
CA GLN C 26 -3.46 35.30 -2.79
C GLN C 26 -4.92 35.31 -3.26
N GLU C 27 -5.18 35.99 -4.37
CA GLU C 27 -6.53 36.02 -4.93
C GLU C 27 -7.05 34.61 -5.16
N ALA C 28 -8.23 34.31 -4.60
CA ALA C 28 -8.81 32.98 -4.68
C ALA C 28 -9.96 32.99 -5.67
N ALA C 29 -9.74 32.32 -6.80
CA ALA C 29 -10.76 32.18 -7.83
C ALA C 29 -10.53 30.86 -8.56
N ASN C 30 -11.63 30.25 -8.97
CA ASN C 30 -11.62 28.96 -9.68
C ASN C 30 -10.84 27.91 -8.87
N TYR C 31 -11.14 27.83 -7.58
CA TYR C 31 -10.50 26.88 -6.70
C TYR C 31 -10.87 25.45 -7.08
N CYS C 32 -9.98 24.52 -6.75
CA CYS C 32 -10.16 23.15 -7.16
C CYS C 32 -11.17 22.43 -6.28
N CYS C 33 -12.25 21.93 -6.88
CA CYS C 33 -13.20 21.08 -6.19
C CYS C 33 -12.85 19.63 -6.46
N ALA C 34 -12.59 18.86 -5.39
CA ALA C 34 -12.17 17.47 -5.55
C ALA C 34 -13.25 16.66 -6.26
N TYR C 35 -12.87 16.03 -7.37
CA TYR C 35 -13.78 15.21 -8.19
C TYR C 35 -15.02 16.00 -8.60
N GLY C 36 -14.84 17.32 -8.76
CA GLY C 36 -15.88 18.19 -9.28
C GLY C 36 -17.11 18.32 -8.40
N GLU C 37 -16.96 18.18 -7.09
CA GLU C 37 -18.09 18.35 -6.18
C GLU C 37 -17.62 19.12 -4.96
N TRP C 38 -18.59 19.59 -4.18
CA TRP C 38 -18.35 20.40 -3.00
C TRP C 38 -19.03 19.78 -1.79
N PRO C 39 -18.47 19.98 -0.59
CA PRO C 39 -18.99 19.28 0.60
C PRO C 39 -20.33 19.83 1.08
N ASN C 40 -21.42 19.39 0.46
CA ASN C 40 -22.76 19.80 0.84
C ASN C 40 -23.16 19.08 2.14
N TYR C 41 -24.34 19.44 2.65
CA TYR C 41 -24.87 18.81 3.84
C TYR C 41 -25.51 17.46 3.50
N LEU C 42 -25.55 16.59 4.50
CA LEU C 42 -26.15 15.27 4.32
C LEU C 42 -27.63 15.38 4.05
N PRO C 43 -28.13 14.94 2.88
CA PRO C 43 -29.55 15.02 2.53
C PRO C 43 -30.40 14.02 3.30
N THR C 54 -27.27 20.14 14.75
CA THR C 54 -26.38 21.30 14.76
C THR C 54 -25.29 21.17 13.70
N GLN C 55 -24.77 22.31 13.26
CA GLN C 55 -23.67 22.36 12.31
C GLN C 55 -22.59 23.32 12.79
N PRO C 56 -21.32 22.94 12.63
CA PRO C 56 -20.23 23.80 13.11
C PRO C 56 -19.79 24.86 12.11
N GLU C 57 -20.67 25.80 11.79
CA GLU C 57 -20.25 27.02 11.10
C GLU C 57 -19.78 28.10 12.06
N THR C 58 -19.85 27.87 13.37
CA THR C 58 -19.40 28.81 14.38
C THR C 58 -18.45 28.14 15.37
N ALA C 59 -18.91 27.10 16.06
CA ALA C 59 -18.14 26.39 17.08
C ALA C 59 -16.74 26.02 16.59
N THR C 60 -16.64 25.07 15.65
CA THR C 60 -15.37 24.76 15.00
C THR C 60 -15.51 25.18 13.55
N ASP C 61 -14.88 26.30 13.20
CA ASP C 61 -15.00 26.87 11.87
C ASP C 61 -13.65 27.31 11.33
N ARG C 62 -13.02 28.26 12.01
CA ARG C 62 -11.86 28.97 11.51
C ARG C 62 -10.73 28.03 11.11
N PHE C 63 -9.95 28.47 10.11
CA PHE C 63 -8.76 27.77 9.65
C PHE C 63 -7.81 27.49 10.81
N TYR C 64 -7.34 26.24 10.90
CA TYR C 64 -6.37 25.85 11.92
C TYR C 64 -5.02 25.70 11.24
N THR C 65 -4.10 26.61 11.57
CA THR C 65 -2.77 26.64 10.97
C THR C 65 -1.86 25.69 11.74
N LEU C 66 -1.30 24.70 11.03
CA LEU C 66 -0.40 23.75 11.64
C LEU C 66 0.98 24.38 11.83
N LYS C 67 1.90 23.59 12.38
CA LYS C 67 3.27 24.07 12.59
C LYS C 67 3.98 24.17 11.25
N SER C 68 4.67 25.29 11.03
CA SER C 68 5.38 25.50 9.78
C SER C 68 6.59 24.59 9.71
N VAL C 69 6.67 23.79 8.65
CA VAL C 69 7.76 22.85 8.45
C VAL C 69 8.88 23.54 7.69
N LYS C 70 10.12 23.21 8.04
CA LYS C 70 11.29 23.74 7.36
C LYS C 70 11.60 22.88 6.14
N TRP C 71 11.54 23.48 4.95
CA TRP C 71 11.72 22.77 3.70
C TRP C 71 13.08 23.15 3.11
N GLU C 72 13.97 22.17 3.02
CA GLU C 72 15.34 22.36 2.55
C GLU C 72 15.55 21.60 1.24
N THR C 73 16.79 21.61 0.77
CA THR C 73 17.12 20.94 -0.50
C THR C 73 16.92 19.43 -0.40
N GLY C 74 17.21 18.84 0.76
CA GLY C 74 17.11 17.40 0.90
C GLY C 74 15.82 16.94 1.54
N SER C 75 14.79 17.79 1.51
CA SER C 75 13.50 17.43 2.07
C SER C 75 12.75 16.49 1.14
N THR C 76 12.38 15.32 1.66
CA THR C 76 11.66 14.35 0.85
C THR C 76 10.18 14.70 0.76
N GLY C 77 9.59 15.19 1.83
CA GLY C 77 8.19 15.59 1.83
C GLY C 77 7.59 15.41 3.20
N TRP C 78 6.28 15.68 3.26
CA TRP C 78 5.52 15.54 4.50
C TRP C 78 4.10 15.12 4.15
N TRP C 79 3.43 14.48 5.12
CA TRP C 79 2.06 14.03 4.94
C TRP C 79 1.28 14.25 6.23
N TRP C 80 0.05 14.74 6.09
CA TRP C 80 -0.87 14.90 7.20
C TRP C 80 -2.19 14.25 6.81
N LYS C 81 -2.56 13.18 7.52
CA LYS C 81 -3.82 12.51 7.26
C LYS C 81 -4.96 13.29 7.91
N LEU C 82 -6.16 13.14 7.34
CA LEU C 82 -7.33 13.83 7.85
C LEU C 82 -8.29 12.87 8.56
N PRO C 83 -8.68 13.20 9.80
CA PRO C 83 -8.16 14.31 10.58
C PRO C 83 -7.05 13.91 11.56
N ASP C 84 -5.91 13.39 11.05
CA ASP C 84 -4.83 13.00 11.95
C ASP C 84 -4.15 14.21 12.58
N ALA C 85 -3.77 15.19 11.78
CA ALA C 85 -3.17 16.40 12.32
C ALA C 85 -4.15 17.20 13.17
N LEU C 86 -5.44 16.95 13.01
CA LEU C 86 -6.49 17.68 13.71
C LEU C 86 -6.97 16.99 14.98
N ASN C 87 -6.31 15.91 15.42
CA ASN C 87 -6.82 15.10 16.53
C ASN C 87 -7.13 15.96 17.75
N ASN C 88 -6.12 16.66 18.27
CA ASN C 88 -6.35 17.76 19.20
C ASN C 88 -5.80 19.04 18.59
N ILE C 89 -6.69 19.88 18.09
CA ILE C 89 -6.34 21.23 17.62
C ILE C 89 -7.42 22.21 18.02
N GLY C 90 -7.06 23.19 18.84
CA GLY C 90 -7.95 24.29 19.18
C GLY C 90 -9.30 23.84 19.68
N MET C 91 -10.34 24.36 19.05
CA MET C 91 -11.70 24.00 19.42
C MET C 91 -12.09 22.65 18.83
N PHE C 92 -11.50 22.29 17.69
CA PHE C 92 -11.88 21.05 17.01
C PHE C 92 -11.41 19.83 17.79
N GLY C 93 -10.34 19.99 18.58
CA GLY C 93 -9.82 18.87 19.34
C GLY C 93 -10.78 18.37 20.40
N GLN C 94 -11.74 19.19 20.81
CA GLN C 94 -12.71 18.77 21.83
C GLN C 94 -13.73 17.81 21.24
N ASN C 95 -14.30 18.14 20.08
CA ASN C 95 -15.37 17.35 19.51
C ASN C 95 -14.89 16.03 18.91
N VAL C 96 -13.58 15.80 18.85
CA VAL C 96 -13.07 14.55 18.26
C VAL C 96 -13.48 13.36 19.12
N GLN C 97 -13.11 13.38 20.40
CA GLN C 97 -13.45 12.30 21.32
C GLN C 97 -14.80 12.53 22.00
N HIS C 98 -15.45 13.66 21.74
CA HIS C 98 -16.67 14.01 22.45
C HIS C 98 -17.89 13.28 21.90
N HIS C 99 -18.07 13.24 20.57
CA HIS C 99 -19.25 12.65 19.96
C HIS C 99 -18.92 11.29 19.33
N TYR C 100 -19.97 10.63 18.87
CA TYR C 100 -19.91 9.26 18.35
C TYR C 100 -19.52 9.18 16.87
N LEU C 101 -20.08 10.04 16.02
CA LEU C 101 -19.82 10.00 14.58
C LEU C 101 -19.87 11.41 14.00
N TYR C 102 -19.29 11.55 12.81
CA TYR C 102 -19.31 12.83 12.10
C TYR C 102 -19.08 12.59 10.62
N ARG C 103 -19.44 13.58 9.81
CA ARG C 103 -19.02 13.65 8.41
C ARG C 103 -18.61 15.08 8.12
N SER C 104 -17.40 15.26 7.62
CA SER C 104 -16.83 16.60 7.51
C SER C 104 -16.11 16.76 6.17
N GLY C 105 -16.31 17.94 5.57
CA GLY C 105 -15.51 18.37 4.45
C GLY C 105 -14.27 19.12 4.89
N PHE C 106 -13.39 19.38 3.93
CA PHE C 106 -12.13 20.03 4.22
C PHE C 106 -11.77 21.01 3.12
N LEU C 107 -11.32 22.20 3.52
CA LEU C 107 -10.77 23.19 2.61
C LEU C 107 -9.32 23.42 3.03
N ILE C 108 -8.39 22.99 2.19
CA ILE C 108 -6.96 23.02 2.49
C ILE C 108 -6.31 24.11 1.65
N HIS C 109 -5.68 25.08 2.33
CA HIS C 109 -4.94 26.15 1.68
C HIS C 109 -3.50 26.08 2.13
N VAL C 110 -2.59 25.77 1.20
CA VAL C 110 -1.16 25.67 1.48
C VAL C 110 -0.48 26.84 0.80
N GLN C 111 0.06 27.77 1.60
CA GLN C 111 0.74 28.95 1.10
C GLN C 111 2.21 28.87 1.48
N CYS C 112 3.08 28.90 0.49
CA CYS C 112 4.52 28.83 0.68
C CYS C 112 5.13 30.17 0.25
N ASN C 113 5.64 30.93 1.22
CA ASN C 113 6.20 32.25 0.96
C ASN C 113 7.67 32.13 0.61
N ALA C 114 8.07 32.78 -0.49
CA ALA C 114 9.46 32.78 -0.92
C ALA C 114 9.69 33.99 -1.82
N THR C 115 10.96 34.35 -1.97
CA THR C 115 11.33 35.47 -2.82
C THR C 115 11.43 35.01 -4.28
N LYS C 116 11.78 35.95 -5.17
CA LYS C 116 11.90 35.65 -6.58
C LYS C 116 13.22 34.99 -6.94
N PHE C 117 14.16 34.91 -6.00
CA PHE C 117 15.46 34.30 -6.25
C PHE C 117 15.49 32.81 -5.92
N HIS C 118 14.41 32.26 -5.37
CA HIS C 118 14.33 30.85 -5.05
C HIS C 118 13.67 30.09 -6.19
N GLN C 119 14.16 28.88 -6.45
CA GLN C 119 13.62 28.02 -7.49
C GLN C 119 13.18 26.69 -6.89
N GLY C 120 12.18 26.08 -7.49
CA GLY C 120 11.68 24.81 -7.04
C GLY C 120 10.22 24.63 -7.40
N ALA C 121 9.71 23.46 -7.02
CA ALA C 121 8.32 23.11 -7.28
C ALA C 121 7.79 22.25 -6.14
N LEU C 122 6.53 22.47 -5.77
CA LEU C 122 5.88 21.71 -4.71
C LEU C 122 4.55 21.18 -5.22
N LEU C 123 4.35 19.87 -5.11
CA LEU C 123 3.12 19.22 -5.54
C LEU C 123 2.26 18.93 -4.31
N VAL C 124 1.15 19.64 -4.19
CA VAL C 124 0.18 19.41 -3.13
C VAL C 124 -0.94 18.55 -3.69
N VAL C 125 -1.03 17.31 -3.21
CA VAL C 125 -2.01 16.35 -3.71
C VAL C 125 -2.72 15.72 -2.52
N ALA C 126 -4.01 15.46 -2.68
CA ALA C 126 -4.83 14.82 -1.65
C ALA C 126 -5.09 13.39 -2.07
N ILE C 127 -4.60 12.43 -1.28
CA ILE C 127 -4.73 11.01 -1.58
C ILE C 127 -5.90 10.46 -0.77
N PRO C 128 -7.04 10.16 -1.39
CA PRO C 128 -8.12 9.50 -0.65
C PRO C 128 -7.78 8.05 -0.36
N GLU C 129 -8.04 7.62 0.87
CA GLU C 129 -7.85 6.25 1.31
C GLU C 129 -6.41 5.78 1.04
N HIS C 130 -5.50 6.36 1.81
CA HIS C 130 -4.07 6.12 1.64
C HIS C 130 -3.63 5.00 2.58
N GLN C 131 -3.22 3.88 2.01
CA GLN C 131 -2.62 2.77 2.76
C GLN C 131 -1.11 2.91 2.66
N ARG C 132 -0.47 3.17 3.80
CA ARG C 132 0.98 3.32 3.81
C ARG C 132 1.65 1.96 3.73
N GLY C 133 2.98 1.98 3.70
CA GLY C 133 3.75 0.76 3.59
C GLY C 133 5.16 0.95 4.07
N ALA C 134 5.92 -0.15 4.06
CA ALA C 134 7.30 -0.16 4.49
C ALA C 134 8.20 -0.71 3.39
N HIS C 135 9.50 -0.47 3.52
CA HIS C 135 10.46 -0.85 2.50
C HIS C 135 11.17 -2.14 2.90
N ASN C 136 11.03 -3.17 2.04
CA ASN C 136 11.77 -4.43 2.16
C ASN C 136 11.44 -5.16 3.45
N THR C 137 10.17 -5.13 3.87
CA THR C 137 9.72 -5.95 4.98
C THR C 137 8.22 -6.20 4.82
N ASN C 138 7.75 -7.31 5.40
CA ASN C 138 6.34 -7.68 5.36
C ASN C 138 5.58 -7.25 6.61
N THR C 139 6.24 -6.60 7.55
CA THR C 139 5.60 -6.25 8.82
C THR C 139 4.74 -5.00 8.63
N SER C 140 3.50 -5.04 9.13
CA SER C 140 2.60 -3.91 8.97
C SER C 140 2.90 -2.85 10.03
N PRO C 141 2.80 -1.56 9.68
CA PRO C 141 3.10 -0.51 10.65
C PRO C 141 2.13 -0.54 11.83
N GLY C 142 2.60 0.01 12.96
CA GLY C 142 1.82 0.04 14.17
C GLY C 142 0.91 1.26 14.25
N PHE C 143 0.38 1.48 15.46
CA PHE C 143 -0.54 2.59 15.67
C PHE C 143 0.19 3.93 15.66
N ASP C 144 1.35 4.00 16.31
CA ASP C 144 2.08 5.26 16.38
C ASP C 144 2.67 5.65 15.03
N ASP C 145 2.91 4.66 14.16
CA ASP C 145 3.45 4.96 12.84
C ASP C 145 2.38 5.48 11.89
N ILE C 146 1.15 5.00 12.02
CA ILE C 146 0.06 5.48 11.17
C ILE C 146 -0.44 6.83 11.64
N MET C 147 -0.97 6.88 12.86
CA MET C 147 -1.51 8.13 13.41
C MET C 147 -0.41 8.82 14.20
N LYS C 148 0.13 9.90 13.64
CA LYS C 148 1.17 10.70 14.28
C LYS C 148 0.62 11.95 14.95
N GLY C 149 -0.67 12.20 14.83
CA GLY C 149 -1.23 13.41 15.38
C GLY C 149 -0.84 14.62 14.56
N GLU C 150 -0.69 15.76 15.25
CA GLU C 150 -0.36 17.03 14.61
C GLU C 150 1.06 17.08 14.07
N GLU C 151 1.99 16.32 14.66
CA GLU C 151 3.39 16.41 14.25
C GLU C 151 3.57 16.09 12.78
N GLY C 152 2.87 15.08 12.28
CA GLY C 152 2.98 14.70 10.88
C GLY C 152 4.21 13.87 10.58
N GLY C 153 4.20 13.17 9.46
CA GLY C 153 5.29 12.30 9.07
C GLY C 153 6.15 12.89 7.95
N THR C 154 7.12 12.09 7.54
CA THR C 154 8.04 12.45 6.46
C THR C 154 8.15 11.28 5.49
N PHE C 155 8.13 11.60 4.19
CA PHE C 155 8.19 10.56 3.16
C PHE C 155 9.49 9.79 3.26
N ASN C 156 9.39 8.46 3.36
CA ASN C 156 10.57 7.62 3.33
C ASN C 156 11.13 7.51 1.92
N HIS C 157 10.26 7.19 0.95
CA HIS C 157 10.63 7.14 -0.45
C HIS C 157 9.52 7.81 -1.26
N PRO C 158 9.59 9.14 -1.41
CA PRO C 158 8.49 9.85 -2.08
C PRO C 158 8.32 9.50 -3.54
N TYR C 159 9.31 8.87 -4.17
CA TYR C 159 9.17 8.47 -5.57
C TYR C 159 8.10 7.38 -5.72
N VAL C 160 8.07 6.43 -4.78
CA VAL C 160 7.08 5.35 -4.82
C VAL C 160 5.85 5.65 -3.98
N LEU C 161 5.77 6.84 -3.38
CA LEU C 161 4.66 7.32 -2.56
C LEU C 161 4.52 6.55 -1.25
N ASP C 162 5.34 5.53 -1.00
CA ASP C 162 5.37 4.65 0.17
C ASP C 162 4.23 3.63 0.13
N ASP C 163 3.28 3.73 -0.78
CA ASP C 163 2.23 2.74 -0.93
C ASP C 163 2.53 1.70 -2.00
N GLY C 164 3.67 1.81 -2.67
CA GLY C 164 4.04 0.90 -3.74
C GLY C 164 3.72 1.38 -5.13
N THR C 165 2.92 2.43 -5.28
CA THR C 165 2.56 2.95 -6.59
C THR C 165 3.67 3.84 -7.13
N SER C 166 3.41 4.53 -8.23
CA SER C 166 4.39 5.41 -8.87
C SER C 166 3.93 6.86 -8.74
N LEU C 167 4.89 7.77 -8.60
CA LEU C 167 4.59 9.19 -8.49
C LEU C 167 4.23 9.81 -9.84
N ALA C 168 4.69 9.19 -10.94
CA ALA C 168 4.43 9.76 -12.26
C ALA C 168 2.94 9.78 -12.57
N CYS C 169 2.21 8.73 -12.22
CA CYS C 169 0.78 8.63 -12.46
C CYS C 169 -0.04 9.09 -11.27
N ALA C 170 0.62 9.61 -10.24
CA ALA C 170 -0.07 10.07 -9.03
C ALA C 170 -0.95 11.28 -9.25
N THR C 171 -0.89 11.90 -10.43
CA THR C 171 -1.68 13.10 -10.70
C THR C 171 -3.16 12.82 -10.88
N ILE C 172 -3.58 11.55 -10.87
CA ILE C 172 -4.99 11.22 -11.06
C ILE C 172 -5.86 11.81 -9.96
N PHE C 173 -5.28 12.08 -8.79
CA PHE C 173 -6.04 12.64 -7.68
C PHE C 173 -6.25 14.13 -7.89
N PRO C 174 -7.03 14.78 -7.02
CA PRO C 174 -7.07 16.25 -7.04
C PRO C 174 -5.74 16.82 -6.57
N HIS C 175 -5.24 17.82 -7.30
CA HIS C 175 -3.94 18.39 -6.99
C HIS C 175 -3.87 19.80 -7.55
N GLN C 176 -2.94 20.58 -7.01
CA GLN C 176 -2.59 21.89 -7.54
C GLN C 176 -1.08 22.05 -7.51
N TRP C 177 -0.58 22.91 -8.39
CA TRP C 177 0.85 23.10 -8.56
C TRP C 177 1.28 24.43 -7.97
N ILE C 178 2.26 24.38 -7.07
CA ILE C 178 2.85 25.57 -6.48
C ILE C 178 4.22 25.77 -7.12
N ASN C 179 4.35 26.81 -7.94
CA ASN C 179 5.59 27.15 -8.61
C ASN C 179 6.00 28.54 -8.15
N LEU C 180 7.26 28.68 -7.76
CA LEU C 180 7.77 29.95 -7.23
C LEU C 180 7.72 31.04 -8.29
N ARG C 181 7.53 30.65 -9.54
CA ARG C 181 7.34 31.59 -10.64
C ARG C 181 5.91 32.12 -10.67
N THR C 182 4.94 31.24 -10.91
CA THR C 182 3.56 31.67 -11.12
C THR C 182 2.84 31.92 -9.80
N ASN C 183 2.51 30.85 -9.07
CA ASN C 183 1.70 30.94 -7.87
C ASN C 183 2.40 30.27 -6.69
N ASN C 184 2.51 30.99 -5.58
CA ASN C 184 3.17 30.49 -4.38
C ASN C 184 2.20 29.85 -3.39
N SER C 185 0.92 29.78 -3.73
CA SER C 185 -0.08 29.21 -2.82
C SER C 185 -1.00 28.28 -3.60
N ALA C 186 -1.75 27.48 -2.86
CA ALA C 186 -2.70 26.55 -3.45
C ALA C 186 -3.87 26.35 -2.50
N THR C 187 -5.06 26.14 -3.06
CA THR C 187 -6.28 25.94 -2.28
C THR C 187 -7.01 24.73 -2.83
N ILE C 188 -7.17 23.69 -2.00
CA ILE C 188 -7.84 22.46 -2.39
C ILE C 188 -8.99 22.21 -1.44
N VAL C 189 -10.17 21.95 -1.98
CA VAL C 189 -11.37 21.68 -1.20
C VAL C 189 -11.67 20.19 -1.30
N LEU C 190 -11.80 19.53 -0.15
CA LEU C 190 -12.05 18.10 -0.10
C LEU C 190 -13.42 17.84 0.53
N PRO C 191 -14.39 17.29 -0.22
CA PRO C 191 -15.66 16.92 0.40
C PRO C 191 -15.54 15.65 1.21
N TRP C 192 -16.67 15.14 1.71
CA TRP C 192 -16.68 13.92 2.50
C TRP C 192 -16.60 12.72 1.58
N MET C 193 -15.52 11.94 1.69
CA MET C 193 -15.33 10.73 0.89
C MET C 193 -15.31 9.54 1.84
N ASN C 194 -16.37 8.75 1.81
CA ASN C 194 -16.46 7.55 2.64
C ASN C 194 -17.51 6.63 2.05
N ALA C 195 -17.44 5.35 2.42
CA ALA C 195 -18.48 4.41 2.05
C ALA C 195 -19.70 4.55 2.94
N ALA C 196 -19.49 4.83 4.23
CA ALA C 196 -20.48 5.08 5.26
C ALA C 196 -20.82 6.57 5.32
N PRO C 197 -22.04 6.91 5.77
CA PRO C 197 -22.37 8.35 5.90
C PRO C 197 -21.59 9.04 6.99
N MET C 198 -21.16 8.32 8.02
CA MET C 198 -20.35 8.87 9.10
C MET C 198 -19.25 7.88 9.46
N ASP C 199 -18.27 8.35 10.23
CA ASP C 199 -17.07 7.57 10.48
C ASP C 199 -16.60 7.81 11.91
N PHE C 200 -15.55 7.07 12.31
CA PHE C 200 -15.01 7.13 13.66
C PHE C 200 -13.85 8.10 13.73
N PRO C 201 -13.82 8.98 14.72
CA PRO C 201 -12.77 10.02 14.75
C PRO C 201 -11.36 9.48 14.90
N LEU C 202 -11.14 8.54 15.82
CA LEU C 202 -9.78 8.11 16.14
C LEU C 202 -9.35 6.87 15.37
N ARG C 203 -10.17 6.35 14.45
CA ARG C 203 -9.88 5.08 13.80
C ARG C 203 -9.53 5.28 12.32
N HIS C 204 -10.50 5.65 11.49
CA HIS C 204 -10.32 5.69 10.05
C HIS C 204 -9.96 7.10 9.59
N ASN C 205 -9.06 7.19 8.61
CA ASN C 205 -8.65 8.46 8.03
C ASN C 205 -9.12 8.49 6.58
N GLN C 206 -10.06 9.39 6.29
CA GLN C 206 -10.70 9.41 4.97
C GLN C 206 -9.75 9.93 3.91
N TRP C 207 -9.20 11.13 4.11
CA TRP C 207 -8.29 11.75 3.16
C TRP C 207 -6.86 11.71 3.68
N THR C 208 -5.94 12.19 2.85
CA THR C 208 -4.55 12.39 3.24
C THR C 208 -4.03 13.61 2.51
N LEU C 209 -3.32 14.48 3.24
CA LEU C 209 -2.72 15.68 2.67
C LEU C 209 -1.21 15.46 2.54
N ALA C 210 -0.70 15.60 1.32
CA ALA C 210 0.71 15.35 1.04
C ALA C 210 1.27 16.48 0.19
N ILE C 211 2.46 16.95 0.55
CA ILE C 211 3.19 17.96 -0.20
C ILE C 211 4.44 17.29 -0.74
N ILE C 212 4.53 17.16 -2.06
CA ILE C 212 5.57 16.40 -2.72
C ILE C 212 6.51 17.37 -3.46
N PRO C 213 7.78 17.58 -2.96
CA PRO C 213 8.76 18.43 -3.67
C PRO C 213 9.43 17.70 -4.84
N VAL C 214 8.75 17.72 -5.99
CA VAL C 214 9.26 17.05 -7.17
C VAL C 214 10.61 17.64 -7.58
N VAL C 215 10.72 18.96 -7.55
CA VAL C 215 11.95 19.67 -7.87
C VAL C 215 12.54 20.19 -6.56
N PRO C 216 13.78 19.84 -6.22
CA PRO C 216 14.35 20.29 -4.95
C PRO C 216 14.71 21.76 -4.95
N LEU C 217 15.19 22.26 -3.82
CA LEU C 217 15.54 23.67 -3.69
C LEU C 217 16.92 23.94 -4.29
N GLY C 218 17.11 25.17 -4.76
CA GLY C 218 18.41 25.60 -5.23
C GLY C 218 18.55 27.10 -5.07
N THR C 219 19.78 27.50 -4.76
CA THR C 219 20.10 28.82 -4.23
C THR C 219 21.58 29.13 -4.44
N ARG C 220 21.97 30.40 -4.35
CA ARG C 220 23.38 30.78 -4.36
C ARG C 220 24.16 30.24 -3.16
N THR C 221 23.56 30.30 -1.97
CA THR C 221 24.14 29.75 -0.76
C THR C 221 24.00 28.23 -0.75
N THR C 222 24.83 27.58 0.08
CA THR C 222 24.82 26.12 0.12
C THR C 222 23.49 25.57 0.65
N SER C 223 22.96 26.20 1.69
CA SER C 223 21.72 25.76 2.31
C SER C 223 20.86 26.95 2.69
N SER C 224 19.57 26.85 2.39
CA SER C 224 18.59 27.87 2.72
C SER C 224 17.42 27.22 3.45
N MET C 225 16.44 28.04 3.84
CA MET C 225 15.27 27.56 4.55
C MET C 225 14.04 28.22 3.96
N VAL C 226 13.10 27.42 3.48
CA VAL C 226 11.84 27.93 2.92
C VAL C 226 10.69 27.41 3.76
N PRO C 227 10.00 28.27 4.52
CA PRO C 227 8.88 27.81 5.33
C PRO C 227 7.63 27.55 4.51
N ILE C 228 6.78 26.67 5.04
CA ILE C 228 5.52 26.30 4.39
C ILE C 228 4.41 26.38 5.43
N THR C 229 3.33 27.07 5.07
CA THR C 229 2.17 27.23 5.95
C THR C 229 1.01 26.42 5.39
N VAL C 230 0.34 25.67 6.26
CA VAL C 230 -0.77 24.80 5.90
C VAL C 230 -1.97 25.17 6.75
N SER C 231 -3.13 25.35 6.10
CA SER C 231 -4.37 25.66 6.79
C SER C 231 -5.47 24.71 6.32
N ILE C 232 -6.30 24.27 7.25
CA ILE C 232 -7.38 23.32 6.98
C ILE C 232 -8.65 23.80 7.67
N ALA C 233 -9.73 23.92 6.90
CA ALA C 233 -11.00 24.38 7.44
C ALA C 233 -12.05 23.28 7.33
N PRO C 234 -12.49 22.63 8.51
CA PRO C 234 -13.59 21.63 8.47
C PRO C 234 -14.95 22.27 8.20
N MET C 235 -15.18 22.62 6.94
CA MET C 235 -16.39 23.34 6.55
C MET C 235 -17.53 22.38 6.25
N CYS C 236 -18.73 22.77 6.68
CA CYS C 236 -19.98 22.07 6.39
C CYS C 236 -19.92 20.61 6.86
N CYS C 237 -19.94 20.46 8.19
CA CYS C 237 -19.90 19.15 8.82
C CYS C 237 -21.07 19.00 9.78
N GLU C 238 -21.18 17.81 10.39
CA GLU C 238 -22.20 17.52 11.38
C GLU C 238 -21.64 16.64 12.48
N PHE C 239 -22.45 16.35 13.49
CA PHE C 239 -22.06 15.48 14.60
C PHE C 239 -23.29 14.80 15.17
N ASN C 240 -23.10 13.57 15.66
CA ASN C 240 -24.16 12.79 16.27
C ASN C 240 -23.59 11.97 17.41
N GLY C 241 -24.49 11.42 18.23
CA GLY C 241 -24.08 10.60 19.36
C GLY C 241 -23.48 11.38 20.51
N LEU C 242 -24.21 12.38 20.98
CA LEU C 242 -23.75 13.19 22.10
C LEU C 242 -23.54 12.35 23.35
N ARG C 243 -22.36 12.49 23.96
CA ARG C 243 -22.07 11.83 25.23
C ARG C 243 -21.06 12.69 25.99
N HIS C 244 -20.57 12.14 27.11
CA HIS C 244 -19.66 12.86 28.01
C HIS C 244 -20.23 14.22 28.41
N GLN D 1 30.73 -17.23 7.96
CA GLN D 1 30.81 -16.16 6.98
C GLN D 1 30.03 -14.93 7.46
N VAL D 2 28.82 -15.16 7.94
CA VAL D 2 27.94 -14.10 8.43
C VAL D 2 27.71 -14.30 9.91
N GLN D 3 27.84 -13.22 10.69
CA GLN D 3 27.66 -13.27 12.13
C GLN D 3 27.34 -11.87 12.64
N LEU D 4 27.16 -11.76 13.94
CA LEU D 4 26.92 -10.48 14.60
C LEU D 4 27.80 -10.39 15.84
N GLN D 5 28.27 -9.19 16.15
CA GLN D 5 29.21 -8.96 17.24
C GLN D 5 28.76 -7.77 18.07
N GLN D 6 28.53 -7.99 19.35
CA GLN D 6 28.25 -6.91 20.31
C GLN D 6 28.92 -7.24 21.64
N PRO D 7 30.25 -7.27 21.68
CA PRO D 7 30.96 -7.63 22.92
C PRO D 7 30.96 -6.51 23.94
N GLY D 8 31.27 -6.88 25.18
CA GLY D 8 31.46 -5.94 26.26
C GLY D 8 30.31 -5.94 27.25
N ALA D 9 30.49 -5.15 28.30
CA ALA D 9 29.52 -5.00 29.37
C ALA D 9 29.11 -3.55 29.61
N GLU D 10 30.05 -2.70 30.03
CA GLU D 10 29.84 -1.26 30.19
C GLU D 10 28.74 -0.97 31.22
N LEU D 11 29.09 -1.22 32.48
CA LEU D 11 28.28 -0.77 33.60
C LEU D 11 28.53 0.72 33.83
N VAL D 12 27.48 1.46 34.19
CA VAL D 12 27.53 2.90 34.28
C VAL D 12 26.56 3.37 35.37
N MET D 13 26.89 4.50 35.99
CA MET D 13 26.05 5.12 36.99
C MET D 13 25.04 6.05 36.33
N PRO D 14 23.96 6.39 37.01
CA PRO D 14 22.97 7.32 36.43
C PRO D 14 23.57 8.71 36.21
N GLY D 15 22.86 9.48 35.40
CA GLY D 15 23.30 10.81 34.97
C GLY D 15 23.77 10.81 33.53
N ALA D 16 24.11 9.62 33.03
CA ALA D 16 24.43 9.40 31.64
C ALA D 16 24.14 7.94 31.30
N SER D 17 23.84 7.69 30.03
CA SER D 17 23.54 6.34 29.54
C SER D 17 24.45 5.94 28.37
N VAL D 18 24.98 4.72 28.44
CA VAL D 18 25.86 4.19 27.40
C VAL D 18 25.13 3.90 26.10
N LYS D 19 25.85 4.02 24.98
CA LYS D 19 25.27 3.79 23.66
C LYS D 19 25.83 2.55 22.97
N MET D 20 24.94 1.69 22.49
CA MET D 20 25.31 0.39 21.94
C MET D 20 26.01 0.47 20.58
N SER D 21 26.90 -0.49 20.33
CA SER D 21 27.44 -0.74 19.00
C SER D 21 26.96 -2.11 18.53
N CYS D 22 26.42 -2.16 17.32
CA CYS D 22 26.04 -3.41 16.67
C CYS D 22 26.67 -3.42 15.28
N LYS D 23 27.62 -4.34 15.06
CA LYS D 23 28.34 -4.44 13.81
C LYS D 23 27.95 -5.74 13.12
N ALA D 24 27.81 -5.69 11.80
CA ALA D 24 27.41 -6.84 11.01
C ALA D 24 28.42 -7.12 9.91
N SER D 25 28.56 -8.40 9.57
CA SER D 25 29.49 -8.82 8.52
C SER D 25 28.93 -10.07 7.86
N GLY D 26 29.22 -10.24 6.58
CA GLY D 26 28.76 -11.39 5.82
C GLY D 26 27.61 -11.11 4.86
N TYR D 27 26.98 -9.94 4.92
CA TYR D 27 25.89 -9.62 4.02
C TYR D 27 25.91 -8.12 3.75
N THR D 28 25.20 -7.70 2.70
CA THR D 28 25.11 -6.29 2.38
C THR D 28 24.27 -5.59 3.45
N PHE D 29 24.84 -4.58 4.09
CA PHE D 29 24.19 -3.97 5.25
C PHE D 29 23.08 -3.01 4.83
N THR D 30 23.20 -2.45 3.63
CA THR D 30 22.27 -1.42 3.19
C THR D 30 20.90 -2.00 2.82
N ASP D 31 20.84 -3.28 2.46
CA ASP D 31 19.61 -3.88 1.95
C ASP D 31 18.79 -4.58 3.02
N TYR D 32 19.20 -4.55 4.28
CA TYR D 32 18.52 -5.30 5.33
C TYR D 32 18.24 -4.42 6.54
N TRP D 33 17.12 -4.73 7.21
CA TRP D 33 16.68 -4.07 8.42
C TRP D 33 17.61 -4.38 9.60
N MET D 34 17.49 -3.57 10.65
CA MET D 34 18.15 -3.81 11.92
C MET D 34 17.13 -3.72 13.05
N HIS D 35 17.08 -4.74 13.89
CA HIS D 35 16.15 -4.80 15.01
C HIS D 35 16.93 -4.75 16.32
N TRP D 36 16.17 -4.75 17.42
CA TRP D 36 16.75 -4.71 18.76
C TRP D 36 15.85 -5.49 19.71
N VAL D 37 16.45 -6.25 20.62
CA VAL D 37 15.73 -7.03 21.62
C VAL D 37 16.42 -6.86 22.96
N LYS D 38 15.62 -6.68 24.01
CA LYS D 38 16.10 -6.40 25.37
C LYS D 38 15.75 -7.58 26.28
N GLN D 39 16.78 -8.23 26.82
CA GLN D 39 16.56 -9.35 27.76
C GLN D 39 16.76 -8.90 29.20
N ARG D 40 15.67 -8.81 29.95
CA ARG D 40 15.74 -8.37 31.33
C ARG D 40 16.04 -9.54 32.26
N PRO D 41 16.82 -9.33 33.31
CA PRO D 41 17.08 -10.41 34.28
C PRO D 41 15.82 -10.96 34.93
N GLY D 42 14.71 -10.23 34.83
CA GLY D 42 13.43 -10.72 35.31
C GLY D 42 12.70 -11.52 34.24
N GLN D 43 13.47 -12.02 33.27
CA GLN D 43 12.99 -12.88 32.19
C GLN D 43 12.03 -12.12 31.27
N GLY D 44 12.23 -10.80 31.24
CA GLY D 44 11.51 -10.00 30.27
C GLY D 44 12.20 -9.99 28.92
N LEU D 45 11.41 -10.12 27.85
CA LEU D 45 11.94 -10.07 26.49
C LEU D 45 11.70 -8.73 25.81
N GLU D 46 11.16 -7.74 26.52
CA GLU D 46 10.48 -6.61 25.93
C GLU D 46 11.26 -5.97 24.79
N TRP D 47 10.57 -5.79 23.67
CA TRP D 47 11.17 -5.38 22.41
C TRP D 47 11.37 -3.86 22.40
N ILE D 48 12.47 -3.41 21.80
CA ILE D 48 12.85 -2.00 21.82
C ILE D 48 12.31 -1.28 20.60
N GLY D 49 12.91 -1.54 19.45
CA GLY D 49 12.49 -0.86 18.23
C GLY D 49 13.30 -1.33 17.05
N ALA D 50 12.82 -0.94 15.87
CA ALA D 50 13.42 -1.29 14.60
C ALA D 50 13.79 -0.03 13.84
N ILE D 51 14.86 -0.12 13.07
CA ILE D 51 15.36 1.00 12.27
C ILE D 51 15.66 0.51 10.86
N ASP D 52 15.33 1.35 9.88
CA ASP D 52 15.70 1.08 8.49
C ASP D 52 17.14 1.51 8.27
N THR D 53 17.85 0.78 7.42
CA THR D 53 19.22 1.14 7.09
C THR D 53 19.28 2.27 6.07
N SER D 54 18.42 2.20 5.05
CA SER D 54 18.42 3.21 4.01
C SER D 54 17.98 4.57 4.55
N ASP D 55 16.81 4.62 5.18
CA ASP D 55 16.28 5.87 5.71
C ASP D 55 16.46 5.90 7.22
N SER D 56 16.05 6.99 7.86
CA SER D 56 16.15 7.13 9.31
C SER D 56 14.86 6.70 9.99
N TYR D 57 13.90 6.19 9.21
CA TYR D 57 12.61 5.77 9.74
C TYR D 57 12.77 4.72 10.84
N THR D 58 12.13 4.98 11.98
CA THR D 58 12.21 4.10 13.13
C THR D 58 10.80 3.84 13.67
N THR D 59 10.71 2.84 14.55
CA THR D 59 9.48 2.48 15.23
C THR D 59 9.79 2.18 16.68
N TYR D 60 9.04 2.80 17.60
CA TYR D 60 9.29 2.67 19.02
C TYR D 60 8.04 2.21 19.75
N ASN D 61 8.24 1.51 20.86
CA ASN D 61 7.15 1.05 21.69
C ASN D 61 6.52 2.21 22.46
N ARG D 62 5.29 1.98 22.92
CA ARG D 62 4.60 3.02 23.70
C ARG D 62 5.33 3.33 24.99
N LYS D 63 5.63 2.31 25.80
CA LYS D 63 6.34 2.51 27.05
C LYS D 63 7.78 2.95 26.84
N PHE D 64 8.40 2.60 25.72
CA PHE D 64 9.77 3.00 25.41
C PHE D 64 9.85 4.26 24.56
N LYS D 65 8.72 4.89 24.26
CA LYS D 65 8.72 6.10 23.45
C LYS D 65 9.40 7.24 24.20
N GLY D 66 10.20 8.02 23.48
CA GLY D 66 10.91 9.13 24.05
C GLY D 66 12.20 8.78 24.76
N LYS D 67 12.45 7.49 25.00
CA LYS D 67 13.68 7.06 25.67
C LYS D 67 14.72 6.61 24.66
N ALA D 68 14.43 5.55 23.92
CA ALA D 68 15.36 4.96 22.97
C ALA D 68 15.48 5.83 21.73
N THR D 69 16.70 5.88 21.18
CA THR D 69 16.98 6.59 19.94
C THR D 69 17.88 5.73 19.06
N LEU D 70 17.42 5.50 17.83
CA LEU D 70 18.11 4.61 16.92
C LEU D 70 18.81 5.40 15.81
N THR D 71 20.04 5.00 15.52
CA THR D 71 20.80 5.57 14.42
C THR D 71 21.76 4.51 13.89
N VAL D 72 22.02 4.56 12.59
CA VAL D 72 22.88 3.58 11.93
C VAL D 72 23.88 4.29 11.04
N ASP D 73 24.92 3.57 10.62
CA ASP D 73 25.93 4.12 9.74
C ASP D 73 26.23 3.13 8.61
N GLU D 74 26.01 3.54 7.36
CA GLU D 74 26.26 2.65 6.23
C GLU D 74 27.72 2.63 5.84
N SER D 75 28.50 3.60 6.32
CA SER D 75 29.93 3.64 5.99
C SER D 75 30.67 2.49 6.66
N SER D 76 30.47 2.34 7.98
CA SER D 76 31.08 1.25 8.73
C SER D 76 30.19 0.01 8.81
N SER D 77 28.99 0.07 8.25
CA SER D 77 28.04 -1.04 8.25
C SER D 77 27.75 -1.50 9.68
N THR D 78 27.55 -0.52 10.57
CA THR D 78 27.28 -0.79 11.98
C THR D 78 25.92 -0.22 12.35
N ALA D 79 25.54 -0.43 13.60
CA ALA D 79 24.27 0.06 14.13
C ALA D 79 24.50 0.54 15.56
N TYR D 80 23.89 1.68 15.91
CA TYR D 80 24.10 2.29 17.21
C TYR D 80 22.78 2.37 17.97
N MET D 81 22.88 2.43 19.29
CA MET D 81 21.73 2.50 20.18
C MET D 81 21.99 3.60 21.21
N GLN D 82 21.10 4.60 21.24
CA GLN D 82 21.27 5.76 22.09
C GLN D 82 20.11 5.88 23.07
N LEU D 83 20.40 5.74 24.35
CA LEU D 83 19.42 5.95 25.41
C LEU D 83 19.68 7.28 26.10
N ILE D 84 18.78 7.62 27.03
CA ILE D 84 18.87 8.85 27.80
C ILE D 84 18.36 8.59 29.22
N SER D 85 19.07 9.14 30.21
CA SER D 85 18.61 9.19 31.59
C SER D 85 18.26 7.79 32.13
N LEU D 86 19.22 6.88 32.01
CA LEU D 86 19.04 5.56 32.61
C LEU D 86 19.15 5.64 34.12
N THR D 87 18.25 4.93 34.81
CA THR D 87 18.21 4.93 36.26
C THR D 87 18.58 3.55 36.80
N SER D 88 18.51 3.38 38.12
CA SER D 88 18.84 2.10 38.73
C SER D 88 17.81 1.02 38.40
N GLU D 89 16.68 1.40 37.83
CA GLU D 89 15.66 0.42 37.48
C GLU D 89 16.01 -0.37 36.23
N ASP D 90 16.55 0.31 35.21
CA ASP D 90 16.80 -0.35 33.93
C ASP D 90 18.10 -1.15 33.96
N SER D 91 18.00 -2.46 33.78
CA SER D 91 19.15 -3.33 33.58
C SER D 91 18.69 -4.52 32.73
N ALA D 92 19.57 -4.96 31.83
CA ALA D 92 19.20 -6.00 30.86
C ALA D 92 20.35 -6.40 29.96
N VAL D 93 20.11 -7.41 29.12
CA VAL D 93 21.06 -7.85 28.11
C VAL D 93 20.51 -7.43 26.75
N TYR D 94 21.26 -6.58 26.05
CA TYR D 94 20.78 -6.03 24.79
C TYR D 94 21.16 -6.94 23.61
N TYR D 95 20.23 -7.07 22.67
CA TYR D 95 20.44 -7.84 21.45
C TYR D 95 20.08 -6.99 20.25
N CYS D 96 20.69 -7.30 19.12
CA CYS D 96 20.37 -6.65 17.84
C CYS D 96 20.27 -7.72 16.76
N ALA D 97 19.17 -7.71 16.04
CA ALA D 97 18.89 -8.68 14.98
C ALA D 97 18.89 -8.00 13.62
N ARG D 98 18.59 -8.77 12.58
CA ARG D 98 18.64 -8.25 11.22
C ARG D 98 17.26 -8.18 10.59
N GLY D 99 16.73 -9.32 10.17
CA GLY D 99 15.53 -9.34 9.35
C GLY D 99 15.84 -9.39 7.87
N GLY D 100 14.86 -8.98 7.08
CA GLY D 100 15.01 -8.96 5.65
C GLY D 100 13.68 -8.75 4.97
N GLY D 101 13.67 -8.97 3.66
CA GLY D 101 12.45 -8.83 2.90
C GLY D 101 11.41 -9.85 3.29
N GLY D 102 11.76 -11.13 3.15
CA GLY D 102 10.87 -12.18 3.64
C GLY D 102 11.08 -12.45 5.11
N ASN D 103 9.97 -12.66 5.82
CA ASN D 103 9.94 -13.19 7.18
C ASN D 103 10.45 -12.17 8.20
N SER D 104 11.20 -11.15 7.73
CA SER D 104 11.95 -10.23 8.58
C SER D 104 12.48 -10.95 9.81
N PRO D 105 13.26 -12.00 9.66
CA PRO D 105 13.45 -12.96 10.76
C PRO D 105 14.52 -12.52 11.77
N PHE D 106 14.61 -13.31 12.84
CA PHE D 106 15.56 -13.11 13.93
C PHE D 106 16.79 -13.99 13.82
N ALA D 107 16.94 -14.72 12.72
CA ALA D 107 17.86 -15.86 12.60
C ALA D 107 19.24 -15.61 13.18
N TYR D 108 19.79 -14.42 13.00
CA TYR D 108 21.13 -14.10 13.49
C TYR D 108 21.04 -13.20 14.71
N TRP D 109 21.80 -13.55 15.75
CA TRP D 109 21.80 -12.86 17.03
C TRP D 109 23.23 -12.53 17.43
N GLY D 110 23.36 -11.65 18.43
CA GLY D 110 24.66 -11.30 18.98
C GLY D 110 24.97 -12.08 20.24
N GLN D 111 26.15 -11.77 20.80
CA GLN D 111 26.58 -12.45 22.01
C GLN D 111 25.87 -11.89 23.25
N GLY D 112 25.59 -10.59 23.25
CA GLY D 112 24.90 -9.96 24.35
C GLY D 112 25.85 -9.24 25.28
N THR D 113 25.32 -8.18 25.92
CA THR D 113 26.08 -7.36 26.85
C THR D 113 25.45 -7.46 28.24
N LEU D 114 26.28 -7.31 29.27
CA LEU D 114 25.84 -7.32 30.66
C LEU D 114 25.77 -5.88 31.16
N VAL D 115 24.56 -5.39 31.38
CA VAL D 115 24.33 -4.03 31.85
C VAL D 115 23.80 -4.10 33.27
N THR D 116 24.61 -3.67 34.23
CA THR D 116 24.23 -3.64 35.64
C THR D 116 24.51 -2.25 36.20
N VAL D 117 23.46 -1.57 36.63
CA VAL D 117 23.56 -0.21 37.14
C VAL D 117 23.27 -0.22 38.64
N SER D 118 23.88 0.72 39.36
CA SER D 118 23.69 0.82 40.80
C SER D 118 23.90 2.27 41.22
N ALA D 119 23.28 2.63 42.34
CA ALA D 119 23.39 3.99 42.87
C ALA D 119 24.66 4.15 43.70
N ASP E 1 -0.88 -2.91 22.83
CA ASP E 1 -0.17 -3.84 21.95
C ASP E 1 -0.85 -5.21 21.97
N ILE E 2 -0.86 -5.89 20.83
CA ILE E 2 -1.45 -7.21 20.71
C ILE E 2 -0.62 -8.19 21.51
N GLN E 3 -1.25 -8.90 22.43
CA GLN E 3 -0.56 -9.75 23.39
C GLN E 3 -0.60 -11.21 22.91
N MET E 4 0.54 -11.88 23.07
CA MET E 4 0.66 -13.30 22.74
C MET E 4 0.61 -14.11 24.03
N THR E 5 -0.40 -14.98 24.15
CA THR E 5 -0.60 -15.81 25.33
C THR E 5 0.03 -17.18 25.08
N GLN E 6 1.05 -17.51 25.84
CA GLN E 6 1.75 -18.79 25.72
C GLN E 6 1.48 -19.63 26.95
N SER E 7 0.91 -20.81 26.76
CA SER E 7 0.58 -21.71 27.85
C SER E 7 0.85 -23.16 27.46
N PRO E 8 1.25 -24.00 28.43
CA PRO E 8 1.48 -23.67 29.85
C PRO E 8 2.80 -22.95 30.10
N SER E 9 2.89 -22.25 31.23
CA SER E 9 4.10 -21.51 31.56
C SER E 9 5.24 -22.43 32.00
N SER E 10 4.94 -23.67 32.37
CA SER E 10 5.97 -24.61 32.78
C SER E 10 5.44 -26.03 32.58
N LEU E 11 6.38 -26.97 32.47
CA LEU E 11 6.03 -28.38 32.31
C LEU E 11 7.20 -29.23 32.77
N SER E 12 6.92 -30.50 33.04
CA SER E 12 7.92 -31.47 33.45
C SER E 12 7.78 -32.72 32.60
N ALA E 13 8.83 -33.05 31.86
CA ALA E 13 8.81 -34.21 30.97
C ALA E 13 10.18 -34.86 30.96
N SER E 14 10.20 -36.14 30.59
CA SER E 14 11.42 -36.93 30.48
C SER E 14 11.83 -37.06 29.02
N LEU E 15 12.88 -37.84 28.78
CA LEU E 15 13.35 -38.10 27.43
C LEU E 15 12.25 -38.77 26.61
N GLY E 16 11.92 -38.15 25.48
CA GLY E 16 10.78 -38.59 24.69
C GLY E 16 9.50 -37.90 25.14
N GLU E 17 8.37 -38.59 24.98
CA GLU E 17 7.06 -38.04 25.36
C GLU E 17 6.81 -36.71 24.67
N ARG E 18 6.55 -36.76 23.36
CA ARG E 18 6.32 -35.55 22.57
C ARG E 18 5.23 -34.67 23.16
N VAL E 19 5.52 -33.38 23.30
CA VAL E 19 4.61 -32.40 23.87
C VAL E 19 4.63 -31.14 23.02
N SER E 20 3.44 -30.65 22.70
CA SER E 20 3.29 -29.46 21.86
C SER E 20 2.87 -28.29 22.73
N LEU E 21 3.41 -27.11 22.42
CA LEU E 21 3.07 -25.87 23.09
C LEU E 21 2.20 -25.01 22.19
N THR E 22 1.11 -24.50 22.76
CA THR E 22 0.09 -23.78 22.02
C THR E 22 0.08 -22.31 22.44
N CYS E 23 0.10 -21.43 21.44
CA CYS E 23 -0.06 -19.99 21.66
C CYS E 23 -1.35 -19.51 21.03
N ARG E 24 -1.94 -18.48 21.63
CA ARG E 24 -3.18 -17.89 21.16
C ARG E 24 -3.03 -16.38 21.06
N ALA E 25 -3.55 -15.79 19.99
CA ALA E 25 -3.50 -14.36 19.75
C ALA E 25 -4.90 -13.80 19.66
N SER E 26 -5.08 -12.59 20.21
CA SER E 26 -6.37 -11.93 20.16
C SER E 26 -6.74 -11.44 18.77
N GLN E 27 -5.78 -11.29 17.88
CA GLN E 27 -6.00 -10.83 16.51
C GLN E 27 -5.40 -11.85 15.56
N ASP E 28 -5.81 -11.79 14.29
CA ASP E 28 -5.31 -12.72 13.29
C ASP E 28 -4.02 -12.18 12.68
N ILE E 29 -2.92 -12.90 12.88
CA ILE E 29 -1.63 -12.51 12.32
C ILE E 29 -1.31 -13.21 11.01
N GLY E 30 -2.20 -14.07 10.52
CA GLY E 30 -1.96 -14.79 9.29
C GLY E 30 -1.00 -15.96 9.48
N SER E 31 -0.18 -16.23 8.47
CA SER E 31 0.79 -17.33 8.51
C SER E 31 2.14 -16.89 9.06
N SER E 32 2.27 -15.66 9.53
CA SER E 32 3.56 -15.12 9.94
C SER E 32 3.74 -15.33 11.44
N LEU E 33 4.67 -16.21 11.81
CA LEU E 33 5.02 -16.43 13.20
C LEU E 33 6.43 -17.00 13.25
N ASN E 34 7.11 -16.79 14.38
CA ASN E 34 8.47 -17.28 14.57
C ASN E 34 8.59 -17.94 15.95
N TRP E 35 9.45 -18.95 16.02
CA TRP E 35 9.80 -19.61 17.27
C TRP E 35 11.30 -19.43 17.51
N LEU E 36 11.67 -19.20 18.77
CA LEU E 36 13.05 -18.94 19.14
C LEU E 36 13.46 -19.86 20.30
N GLN E 37 14.68 -20.38 20.20
CA GLN E 37 15.29 -21.18 21.26
C GLN E 37 16.23 -20.28 22.06
N GLN E 38 16.12 -20.34 23.38
CA GLN E 38 16.92 -19.51 24.28
C GLN E 38 17.78 -20.42 25.15
N GLU E 39 19.10 -20.39 24.92
CA GLU E 39 20.02 -21.22 25.67
C GLU E 39 20.36 -20.58 27.01
N PRO E 40 20.69 -21.38 28.03
CA PRO E 40 21.03 -20.80 29.34
C PRO E 40 22.25 -19.89 29.31
N ASP E 41 23.12 -20.02 28.31
CA ASP E 41 24.29 -19.16 28.23
C ASP E 41 23.98 -17.74 27.76
N GLY E 42 22.76 -17.49 27.31
CA GLY E 42 22.37 -16.18 26.84
C GLY E 42 22.32 -16.02 25.34
N THR E 43 22.45 -17.09 24.58
CA THR E 43 22.43 -17.05 23.13
C THR E 43 21.10 -17.57 22.62
N ILE E 44 20.40 -16.75 21.84
CA ILE E 44 19.11 -17.10 21.27
C ILE E 44 19.32 -17.60 19.85
N LYS E 45 18.60 -18.67 19.48
CA LYS E 45 18.68 -19.24 18.14
C LYS E 45 17.29 -19.56 17.63
N ARG E 46 17.05 -19.23 16.36
CA ARG E 46 15.75 -19.52 15.75
C ARG E 46 15.59 -21.02 15.53
N LEU E 47 14.33 -21.47 15.55
CA LEU E 47 14.01 -22.85 15.23
C LEU E 47 12.97 -22.94 14.11
N ILE E 48 11.74 -22.53 14.37
CA ILE E 48 10.64 -22.71 13.43
C ILE E 48 10.11 -21.34 13.00
N TYR E 49 9.93 -21.17 11.69
CA TYR E 49 9.38 -19.95 11.12
C TYR E 49 8.33 -20.31 10.08
N ALA E 50 7.28 -19.51 10.00
CA ALA E 50 6.23 -19.67 9.00
C ALA E 50 5.66 -21.09 9.01
N THR E 51 5.24 -21.54 10.19
CA THR E 51 4.62 -22.84 10.38
C THR E 51 5.55 -23.95 9.91
N SER E 52 5.15 -24.67 8.84
CA SER E 52 5.83 -25.91 8.48
C SER E 52 7.30 -25.69 8.12
N SER E 53 7.65 -24.48 7.71
CA SER E 53 9.02 -24.19 7.31
C SER E 53 9.96 -24.27 8.52
N LEU E 54 11.18 -24.76 8.27
CA LEU E 54 12.18 -24.98 9.31
C LEU E 54 13.54 -24.43 8.87
N ASP E 55 14.46 -24.32 9.82
CA ASP E 55 15.79 -23.76 9.60
C ASP E 55 16.69 -24.82 8.99
N SER E 56 17.58 -24.40 8.09
CA SER E 56 18.57 -25.32 7.54
C SER E 56 19.69 -25.53 8.55
N GLY E 57 20.01 -26.80 8.82
CA GLY E 57 21.00 -27.16 9.81
C GLY E 57 20.43 -27.62 11.13
N VAL E 58 19.17 -27.28 11.43
CA VAL E 58 18.51 -27.73 12.64
C VAL E 58 17.90 -29.10 12.35
N PRO E 59 18.07 -30.08 13.25
CA PRO E 59 17.52 -31.42 13.00
C PRO E 59 16.00 -31.39 12.86
N LYS E 60 15.47 -32.44 12.24
CA LYS E 60 14.07 -32.53 11.89
C LYS E 60 13.14 -32.76 13.07
N ARG E 61 13.68 -32.95 14.28
CA ARG E 61 12.84 -33.24 15.43
C ARG E 61 11.89 -32.09 15.76
N PHE E 62 12.20 -30.87 15.31
CA PHE E 62 11.32 -29.73 15.54
C PHE E 62 10.31 -29.61 14.41
N SER E 63 9.05 -29.36 14.79
CA SER E 63 7.96 -29.29 13.83
C SER E 63 6.87 -28.37 14.38
N GLY E 64 5.96 -27.97 13.51
CA GLY E 64 4.86 -27.11 13.93
C GLY E 64 3.63 -27.35 13.09
N SER E 65 2.49 -26.94 13.65
CA SER E 65 1.20 -27.12 13.00
C SER E 65 0.26 -26.02 13.49
N ARG E 66 -0.82 -25.83 12.74
CA ARG E 66 -1.79 -24.78 13.01
C ARG E 66 -3.20 -25.34 12.88
N SER E 67 -4.00 -25.20 13.94
CA SER E 67 -5.41 -25.53 13.86
C SER E 67 -6.24 -24.39 13.28
N GLY E 68 -5.62 -23.22 13.10
CA GLY E 68 -6.23 -22.04 12.52
C GLY E 68 -6.69 -21.02 13.54
N SER E 69 -7.01 -21.45 14.75
CA SER E 69 -7.17 -20.53 15.87
C SER E 69 -5.97 -20.49 16.79
N ASP E 70 -4.97 -21.35 16.56
CA ASP E 70 -3.85 -21.51 17.48
C ASP E 70 -2.59 -21.78 16.67
N TYR E 71 -1.45 -21.68 17.36
CA TYR E 71 -0.15 -22.02 16.79
C TYR E 71 0.55 -23.01 17.71
N SER E 72 0.96 -24.15 17.17
CA SER E 72 1.52 -25.23 17.97
C SER E 72 2.95 -25.52 17.52
N LEU E 73 3.82 -25.79 18.51
CA LEU E 73 5.20 -26.19 18.26
C LEU E 73 5.37 -27.62 18.77
N THR E 74 5.57 -28.55 17.84
CA THR E 74 5.63 -29.97 18.15
C THR E 74 7.06 -30.47 18.03
N ILE E 75 7.54 -31.13 19.07
CA ILE E 75 8.87 -31.75 19.09
C ILE E 75 8.68 -33.25 19.14
N SER E 76 9.26 -33.95 18.15
CA SER E 76 9.06 -35.40 18.06
C SER E 76 9.75 -36.13 19.20
N SER E 77 11.03 -35.87 19.41
CA SER E 77 11.81 -36.52 20.45
C SER E 77 12.57 -35.48 21.24
N LEU E 78 12.49 -35.57 22.57
CA LEU E 78 13.18 -34.62 23.43
C LEU E 78 14.59 -35.13 23.74
N GLU E 79 15.41 -34.32 24.40
CA GLU E 79 16.79 -34.66 24.71
C GLU E 79 17.18 -33.95 26.00
N SER E 80 18.42 -34.17 26.44
CA SER E 80 18.97 -33.49 27.60
C SER E 80 19.33 -32.04 27.32
N GLU E 81 19.65 -31.69 26.07
CA GLU E 81 19.97 -30.32 25.69
C GLU E 81 18.75 -29.59 25.16
N ASP E 82 17.58 -30.22 25.20
CA ASP E 82 16.34 -29.65 24.67
C ASP E 82 15.60 -28.81 25.70
N PHE E 83 16.20 -28.59 26.86
CA PHE E 83 15.58 -27.80 27.93
C PHE E 83 16.00 -26.34 27.72
N VAL E 84 15.04 -25.51 27.31
CA VAL E 84 15.27 -24.11 26.99
C VAL E 84 13.99 -23.33 27.28
N ASP E 85 13.94 -22.08 26.86
CA ASP E 85 12.77 -21.23 27.00
C ASP E 85 12.21 -20.96 25.60
N TYR E 86 11.05 -21.52 25.31
CA TYR E 86 10.41 -21.35 24.01
C TYR E 86 9.48 -20.15 24.05
N TYR E 87 9.46 -19.39 22.95
CA TYR E 87 8.59 -18.21 22.84
C TYR E 87 8.02 -18.14 21.44
N CYS E 88 6.78 -17.65 21.35
CA CYS E 88 6.11 -17.44 20.08
C CYS E 88 5.97 -15.94 19.83
N LEU E 89 6.36 -15.50 18.63
CA LEU E 89 6.41 -14.10 18.28
C LEU E 89 5.58 -13.83 17.02
N GLN E 90 5.02 -12.63 16.95
CA GLN E 90 4.25 -12.17 15.81
C GLN E 90 5.00 -11.03 15.13
N TYR E 91 5.55 -11.29 13.95
CA TYR E 91 6.22 -10.27 13.15
C TYR E 91 5.32 -9.69 12.07
N ALA E 92 4.04 -10.07 12.05
CA ALA E 92 3.15 -9.63 10.98
C ALA E 92 2.91 -8.13 11.03
N SER E 93 2.87 -7.54 12.23
CA SER E 93 2.57 -6.13 12.37
C SER E 93 3.32 -5.55 13.55
N PHE E 94 3.71 -4.28 13.43
CA PHE E 94 4.33 -3.55 14.53
C PHE E 94 3.29 -3.21 15.60
N PRO E 95 3.71 -3.16 16.88
CA PRO E 95 5.03 -3.58 17.35
C PRO E 95 5.13 -5.09 17.52
N LEU E 96 6.35 -5.62 17.50
CA LEU E 96 6.55 -7.05 17.69
C LEU E 96 6.58 -7.38 19.18
N THR E 97 5.85 -8.43 19.56
CA THR E 97 5.68 -8.79 20.96
C THR E 97 6.16 -10.23 21.19
N PHE E 98 6.39 -10.54 22.46
CA PHE E 98 6.91 -11.82 22.88
C PHE E 98 5.88 -12.56 23.73
N GLY E 99 5.98 -13.89 23.74
CA GLY E 99 5.05 -14.71 24.49
C GLY E 99 5.45 -14.85 25.94
N ALA E 100 4.66 -15.66 26.66
CA ALA E 100 4.93 -15.88 28.08
C ALA E 100 6.15 -16.77 28.30
N GLY E 101 6.22 -17.91 27.63
CA GLY E 101 7.36 -18.78 27.74
C GLY E 101 7.07 -20.01 28.58
N THR E 102 7.88 -21.05 28.36
CA THR E 102 7.75 -22.31 29.09
C THR E 102 9.14 -22.83 29.43
N LYS E 103 9.34 -23.20 30.69
CA LYS E 103 10.60 -23.74 31.17
C LYS E 103 10.46 -25.25 31.33
N LEU E 104 11.17 -26.00 30.50
CA LEU E 104 11.10 -27.46 30.53
C LEU E 104 11.90 -27.99 31.72
N GLU E 105 11.30 -28.94 32.43
CA GLU E 105 11.93 -29.56 33.58
C GLU E 105 11.95 -31.07 33.41
N LEU E 106 12.85 -31.72 34.15
CA LEU E 106 13.01 -33.16 34.13
C LEU E 106 12.45 -33.76 35.40
N LYS E 107 11.68 -34.85 35.26
CA LYS E 107 11.10 -35.51 36.42
C LYS E 107 12.18 -36.22 37.21
N ARG E 108 12.28 -35.90 38.50
CA ARG E 108 13.28 -36.49 39.38
C ARG E 108 12.62 -36.82 40.71
N ALA E 109 13.42 -37.34 41.65
CA ALA E 109 12.91 -37.71 42.97
C ALA E 109 13.29 -36.65 44.00
#